data_4CCN
#
_entry.id   4CCN
#
_cell.length_a   155.165
_cell.length_b   83.721
_cell.length_c   97.034
_cell.angle_alpha   90.00
_cell.angle_beta   100.35
_cell.angle_gamma   90.00
#
_symmetry.space_group_name_H-M   'C 1 2 1'
#
loop_
_entity.id
_entity.type
_entity.pdbx_description
1 polymer 'BIFUNCTIONAL LYSINE-SPECIFIC DEMETHYLASE AND HISTIDYL-HYDROXYLASE NO66'
2 polymer '60S RIBOSOMAL PROTEIN L8'
3 non-polymer 'MANGANESE (II) ION'
4 non-polymer N-OXALYLGLYCINE
5 non-polymer 'SULFATE ION'
6 non-polymer 1,2-ETHANEDIOL
7 water water
#
loop_
_entity_poly.entity_id
_entity_poly.type
_entity_poly.pdbx_seq_one_letter_code
_entity_poly.pdbx_strand_id
1 'polypeptide(L)'
;MSPLRRVLAELNRIPSSRRRAARLFEWLIAPMPPDHFYRRLWEREAVLVRRQDHTYYQGLFSTADLDSMLRNEEVQFGQH
LDAARYINGRRETLNPPGRALPAAAWSLYQAGCSLRLCSPQAFSTTVWQFLAVLQEQFGSMAGSNVYLTPPNSQGFAPHY
DDIEAFVLQLEGRKLWRVYRPRAPTEELALTSSPNFSQDDLGEPVLQTVLEPGDLLYFPRGFIHQAECQDGVHSLHLTLS
TYQRNTWGDFLEAILPLAVQAAMEENVEFRRGLPRDFMDYMGAQHSDSKDPRRTAFMEKVRVLVARLGHFAPVDAVADQR
AKDFIHDSLPPVLTDRERALSVYGLPIRWEAGEPVNVGAQLTTETEVHMLQDGIARLVGEGGHLFLYYTVENSRVYHLEE
PKCLEIYPQQADAMELLLGSYPEFVRVGDLPCDSVEDQLSLATTLYDKGLLLTKMPLALNAENLYFQ
;
A,B
2 'polypeptide(L)' NPVEHPFGGGNHQHICKPSTIRRDAPAGRKVGLIA C,D
#
loop_
_chem_comp.id
_chem_comp.type
_chem_comp.name
_chem_comp.formula
EDO non-polymer 1,2-ETHANEDIOL 'C2 H6 O2'
MN non-polymer 'MANGANESE (II) ION' 'Mn 2'
OGA non-polymer N-OXALYLGLYCINE 'C4 H5 N O5'
SO4 non-polymer 'SULFATE ION' 'O4 S -2'
#
# COMPACT_ATOMS: atom_id res chain seq x y z
N MET A 1 -36.08 -41.20 -3.61
CA MET A 1 -36.01 -39.72 -3.80
C MET A 1 -34.87 -39.37 -4.74
N SER A 2 -34.83 -38.10 -5.17
CA SER A 2 -33.79 -37.65 -6.09
C SER A 2 -32.41 -37.70 -5.45
N PRO A 3 -31.35 -37.72 -6.27
CA PRO A 3 -29.96 -37.78 -5.81
C PRO A 3 -29.62 -36.68 -4.80
N LEU A 4 -30.16 -35.49 -5.04
CA LEU A 4 -29.91 -34.34 -4.16
C LEU A 4 -30.49 -34.55 -2.77
N ARG A 5 -31.79 -34.81 -2.69
CA ARG A 5 -32.43 -35.03 -1.41
C ARG A 5 -31.81 -36.19 -0.66
N ARG A 6 -31.24 -37.14 -1.40
CA ARG A 6 -30.61 -38.29 -0.80
C ARG A 6 -29.21 -37.95 -0.26
N VAL A 7 -28.46 -37.16 -1.00
CA VAL A 7 -27.11 -36.82 -0.56
C VAL A 7 -27.21 -35.82 0.60
N LEU A 8 -28.23 -34.97 0.57
CA LEU A 8 -28.41 -34.02 1.67
C LEU A 8 -28.80 -34.85 2.90
N ALA A 9 -29.74 -35.79 2.73
CA ALA A 9 -30.15 -36.64 3.83
C ALA A 9 -28.94 -37.44 4.32
N GLU A 10 -27.99 -37.67 3.42
CA GLU A 10 -26.80 -38.42 3.79
C GLU A 10 -25.84 -37.53 4.58
N LEU A 11 -25.77 -36.25 4.19
CA LEU A 11 -24.90 -35.32 4.89
C LEU A 11 -25.34 -35.16 6.35
N ASN A 12 -26.65 -35.08 6.55
CA ASN A 12 -27.20 -34.92 7.90
C ASN A 12 -26.80 -36.08 8.83
N ARG A 13 -26.23 -37.13 8.24
CA ARG A 13 -25.79 -38.30 9.02
C ARG A 13 -24.28 -38.37 9.15
N ILE A 14 -23.56 -37.41 8.55
CA ILE A 14 -22.10 -37.41 8.64
C ILE A 14 -21.60 -36.52 9.79
N PRO A 15 -20.79 -37.09 10.69
CA PRO A 15 -20.24 -36.36 11.84
C PRO A 15 -19.44 -35.09 11.50
N SER A 16 -18.31 -35.24 10.82
CA SER A 16 -17.47 -34.09 10.49
C SER A 16 -18.00 -33.19 9.37
N SER A 17 -17.89 -31.87 9.55
CA SER A 17 -18.35 -30.94 8.53
C SER A 17 -17.37 -30.91 7.38
N ARG A 18 -16.14 -31.32 7.66
CA ARG A 18 -15.08 -31.35 6.65
C ARG A 18 -15.38 -32.50 5.68
N ARG A 19 -15.71 -33.66 6.24
CA ARG A 19 -16.03 -34.83 5.44
C ARG A 19 -17.33 -34.56 4.68
N ARG A 20 -18.23 -33.80 5.32
CA ARG A 20 -19.52 -33.43 4.73
C ARG A 20 -19.29 -32.56 3.48
N ALA A 21 -18.33 -31.64 3.58
CA ALA A 21 -18.03 -30.77 2.44
C ALA A 21 -17.44 -31.63 1.31
N ALA A 22 -16.52 -32.52 1.68
CA ALA A 22 -15.87 -33.42 0.74
C ALA A 22 -16.87 -34.30 -0.01
N ARG A 23 -17.85 -34.81 0.71
CA ARG A 23 -18.86 -35.67 0.12
C ARG A 23 -19.75 -34.94 -0.87
N LEU A 24 -20.14 -33.72 -0.54
CA LEU A 24 -21.02 -32.98 -1.42
C LEU A 24 -20.28 -32.59 -2.70
N PHE A 25 -19.01 -32.27 -2.59
CA PHE A 25 -18.27 -31.93 -3.81
C PHE A 25 -18.10 -33.22 -4.63
N GLU A 26 -17.89 -34.34 -3.94
CA GLU A 26 -17.74 -35.63 -4.60
C GLU A 26 -19.01 -35.93 -5.42
N TRP A 27 -20.16 -35.61 -4.84
CA TRP A 27 -21.45 -35.71 -5.50
C TRP A 27 -21.67 -34.78 -6.66
N LEU A 28 -21.29 -33.52 -6.50
CA LEU A 28 -21.45 -32.51 -7.52
C LEU A 28 -20.72 -32.83 -8.82
N ILE A 29 -19.58 -33.50 -8.75
CA ILE A 29 -18.84 -33.81 -9.97
C ILE A 29 -18.80 -35.30 -10.35
N ALA A 30 -19.63 -36.09 -9.67
CA ALA A 30 -19.70 -37.54 -9.92
C ALA A 30 -20.02 -37.87 -11.37
N PRO A 31 -19.51 -39.00 -11.86
CA PRO A 31 -18.68 -40.01 -11.21
C PRO A 31 -17.20 -39.65 -11.09
N MET A 32 -16.82 -38.49 -11.62
CA MET A 32 -15.43 -38.06 -11.56
C MET A 32 -14.86 -37.84 -10.17
N PRO A 33 -13.75 -38.52 -9.83
CA PRO A 33 -13.14 -38.37 -8.51
C PRO A 33 -12.52 -37.00 -8.21
N PRO A 34 -12.86 -36.42 -7.05
CA PRO A 34 -12.33 -35.11 -6.66
C PRO A 34 -10.81 -34.99 -6.80
N ASP A 35 -10.10 -36.03 -6.39
CA ASP A 35 -8.64 -36.07 -6.46
C ASP A 35 -8.09 -35.81 -7.87
N HIS A 36 -8.72 -36.42 -8.86
CA HIS A 36 -8.32 -36.26 -10.25
C HIS A 36 -8.69 -34.86 -10.72
N PHE A 37 -9.90 -34.42 -10.40
CA PHE A 37 -10.39 -33.09 -10.78
C PHE A 37 -9.41 -32.01 -10.32
N TYR A 38 -9.16 -31.95 -9.03
CA TYR A 38 -8.26 -30.95 -8.49
C TYR A 38 -6.82 -31.06 -8.98
N ARG A 39 -6.36 -32.28 -9.19
CA ARG A 39 -5.00 -32.48 -9.61
C ARG A 39 -4.73 -32.16 -11.09
N ARG A 40 -5.65 -32.55 -11.96
CA ARG A 40 -5.48 -32.38 -13.39
C ARG A 40 -6.41 -31.39 -14.07
N LEU A 41 -7.58 -31.15 -13.49
CA LEU A 41 -8.56 -30.30 -14.16
C LEU A 41 -8.80 -28.90 -13.61
N TRP A 42 -8.67 -28.76 -12.30
CA TRP A 42 -8.94 -27.48 -11.68
C TRP A 42 -7.96 -26.47 -12.22
N GLU A 43 -8.51 -25.38 -12.74
CA GLU A 43 -7.73 -24.26 -13.29
C GLU A 43 -6.93 -24.57 -14.56
N ARG A 44 -7.13 -25.76 -15.12
CA ARG A 44 -6.38 -26.14 -16.31
C ARG A 44 -7.20 -26.39 -17.55
N GLU A 45 -8.32 -27.09 -17.41
CA GLU A 45 -9.16 -27.45 -18.55
C GLU A 45 -10.65 -27.32 -18.27
N ALA A 46 -11.43 -27.12 -19.33
CA ALA A 46 -12.88 -27.04 -19.22
C ALA A 46 -13.38 -28.49 -19.09
N VAL A 47 -14.33 -28.71 -18.20
CA VAL A 47 -14.84 -30.05 -17.99
C VAL A 47 -16.35 -30.13 -18.13
N LEU A 48 -16.81 -31.10 -18.91
CA LEU A 48 -18.24 -31.30 -19.08
C LEU A 48 -18.57 -32.67 -18.48
N VAL A 49 -19.49 -32.68 -17.52
CA VAL A 49 -19.90 -33.95 -16.90
C VAL A 49 -21.34 -34.29 -17.30
N ARG A 50 -21.51 -35.29 -18.16
CA ARG A 50 -22.84 -35.70 -18.60
C ARG A 50 -23.34 -36.74 -17.60
N ARG A 51 -24.22 -36.28 -16.70
CA ARG A 51 -24.77 -37.09 -15.64
C ARG A 51 -25.70 -38.22 -16.09
N GLN A 52 -26.38 -38.00 -17.21
CA GLN A 52 -27.33 -38.97 -17.73
C GLN A 52 -28.38 -39.27 -16.66
N ASP A 53 -28.94 -38.20 -16.11
CA ASP A 53 -29.97 -38.27 -15.06
C ASP A 53 -30.56 -36.87 -14.96
N HIS A 54 -31.79 -36.68 -15.43
CA HIS A 54 -32.38 -35.36 -15.39
C HIS A 54 -32.98 -34.95 -14.05
N THR A 55 -32.87 -35.83 -13.06
CA THR A 55 -33.41 -35.56 -11.73
C THR A 55 -32.29 -35.24 -10.74
N TYR A 56 -31.04 -35.34 -11.19
CA TYR A 56 -29.88 -35.12 -10.33
C TYR A 56 -29.95 -33.94 -9.37
N TYR A 57 -30.31 -32.78 -9.90
CA TYR A 57 -30.41 -31.55 -9.11
C TYR A 57 -31.82 -31.24 -8.64
N GLN A 58 -32.78 -32.13 -8.88
CA GLN A 58 -34.15 -31.88 -8.46
C GLN A 58 -34.22 -31.53 -6.97
N GLY A 59 -34.78 -30.37 -6.66
CA GLY A 59 -34.90 -29.92 -5.28
C GLY A 59 -34.03 -28.71 -4.98
N LEU A 60 -32.98 -28.52 -5.77
CA LEU A 60 -32.06 -27.42 -5.57
C LEU A 60 -32.70 -26.08 -5.94
N PHE A 61 -33.09 -25.92 -7.20
CA PHE A 61 -33.73 -24.69 -7.63
C PHE A 61 -34.57 -24.93 -8.90
N SER A 62 -35.55 -24.08 -9.13
CA SER A 62 -36.41 -24.24 -10.30
C SER A 62 -36.99 -22.89 -10.67
N THR A 63 -37.63 -22.83 -11.83
CA THR A 63 -38.23 -21.57 -12.26
C THR A 63 -39.40 -21.21 -11.33
N ALA A 64 -40.02 -22.23 -10.73
CA ALA A 64 -41.14 -21.99 -9.80
C ALA A 64 -40.59 -21.30 -8.55
N ASP A 65 -39.40 -21.68 -8.13
CA ASP A 65 -38.81 -21.03 -6.97
C ASP A 65 -38.51 -19.58 -7.31
N LEU A 66 -38.17 -19.33 -8.58
CA LEU A 66 -37.88 -17.96 -9.02
C LEU A 66 -39.14 -17.10 -8.96
N ASP A 67 -40.25 -17.65 -9.45
CA ASP A 67 -41.53 -16.95 -9.48
C ASP A 67 -41.92 -16.56 -8.05
N SER A 68 -41.81 -17.51 -7.13
CA SER A 68 -42.16 -17.24 -5.75
CA SER A 68 -42.14 -17.25 -5.74
C SER A 68 -41.22 -16.18 -5.19
N MET A 69 -39.93 -16.24 -5.51
CA MET A 69 -38.98 -15.26 -4.99
C MET A 69 -39.31 -13.85 -5.43
N LEU A 70 -39.62 -13.70 -6.72
CA LEU A 70 -39.96 -12.39 -7.27
C LEU A 70 -41.27 -11.90 -6.65
N ARG A 71 -42.15 -12.83 -6.32
CA ARG A 71 -43.44 -12.49 -5.77
C ARG A 71 -43.45 -12.25 -4.26
N ASN A 72 -42.84 -13.17 -3.51
CA ASN A 72 -42.83 -13.07 -2.05
C ASN A 72 -41.63 -12.41 -1.41
N GLU A 73 -40.63 -12.04 -2.22
CA GLU A 73 -39.44 -11.38 -1.64
CA GLU A 73 -39.39 -11.43 -1.70
C GLU A 73 -39.09 -10.13 -2.44
N GLU A 74 -38.27 -9.28 -1.82
CA GLU A 74 -37.99 -7.96 -2.35
C GLU A 74 -36.84 -7.92 -3.35
N VAL A 75 -36.96 -8.71 -4.41
CA VAL A 75 -35.91 -8.76 -5.43
C VAL A 75 -35.88 -7.44 -6.17
N GLN A 76 -34.73 -6.77 -6.10
CA GLN A 76 -34.58 -5.47 -6.73
C GLN A 76 -33.84 -5.50 -8.06
N PHE A 77 -34.47 -4.97 -9.10
CA PHE A 77 -33.82 -4.89 -10.42
C PHE A 77 -32.49 -4.17 -10.21
N GLY A 78 -31.52 -4.48 -11.07
CA GLY A 78 -30.22 -3.84 -10.97
C GLY A 78 -29.32 -4.46 -9.92
N GLN A 79 -29.87 -4.63 -8.72
CA GLN A 79 -29.15 -5.33 -7.65
CA GLN A 79 -29.13 -5.33 -7.66
C GLN A 79 -29.22 -6.85 -7.45
N HIS A 80 -30.47 -7.32 -7.55
CA HIS A 80 -30.72 -8.75 -7.48
C HIS A 80 -31.00 -9.40 -8.84
N LEU A 81 -31.85 -8.76 -9.64
CA LEU A 81 -32.22 -9.28 -10.94
C LEU A 81 -31.73 -8.45 -12.13
N ASP A 82 -31.20 -9.14 -13.14
CA ASP A 82 -30.72 -8.48 -14.34
C ASP A 82 -31.39 -9.09 -15.56
N ALA A 83 -31.92 -8.25 -16.45
CA ALA A 83 -32.56 -8.76 -17.66
C ALA A 83 -31.67 -8.37 -18.82
N ALA A 84 -31.14 -9.37 -19.51
CA ALA A 84 -30.24 -9.09 -20.62
C ALA A 84 -30.67 -9.69 -21.93
N ARG A 85 -30.25 -9.04 -23.00
CA ARG A 85 -30.58 -9.47 -24.33
C ARG A 85 -29.32 -9.33 -25.18
N TYR A 86 -29.08 -10.31 -26.05
CA TYR A 86 -27.93 -10.31 -26.95
C TYR A 86 -28.50 -10.42 -28.36
N ILE A 87 -28.31 -9.36 -29.15
CA ILE A 87 -28.83 -9.32 -30.51
C ILE A 87 -27.90 -8.56 -31.45
N ASN A 88 -27.70 -9.12 -32.63
CA ASN A 88 -26.88 -8.54 -33.69
CA ASN A 88 -26.84 -8.65 -33.71
C ASN A 88 -25.44 -8.22 -33.28
N GLY A 89 -24.89 -9.11 -32.46
CA GLY A 89 -23.55 -8.92 -31.91
C GLY A 89 -23.42 -7.89 -30.82
N ARG A 90 -24.53 -7.47 -30.21
CA ARG A 90 -24.45 -6.49 -29.15
C ARG A 90 -25.26 -6.79 -27.90
N ARG A 91 -24.61 -6.64 -26.75
CA ARG A 91 -25.21 -6.88 -25.44
C ARG A 91 -25.98 -5.64 -24.98
N GLU A 92 -27.11 -5.87 -24.32
CA GLU A 92 -27.94 -4.79 -23.82
C GLU A 92 -28.67 -5.20 -22.55
N THR A 93 -28.83 -4.26 -21.63
CA THR A 93 -29.53 -4.52 -20.38
C THR A 93 -30.82 -3.71 -20.41
N LEU A 94 -31.92 -4.33 -19.98
CA LEU A 94 -33.21 -3.66 -19.97
C LEU A 94 -33.84 -3.66 -18.58
N ASN A 95 -33.08 -3.26 -17.56
CA ASN A 95 -33.61 -3.24 -16.20
C ASN A 95 -34.43 -2.00 -15.89
N PRO A 96 -35.70 -2.20 -15.50
CA PRO A 96 -36.56 -1.05 -15.17
C PRO A 96 -36.15 -0.59 -13.77
N PRO A 97 -36.48 0.66 -13.42
CA PRO A 97 -36.12 1.16 -12.10
C PRO A 97 -37.15 0.78 -11.04
N GLY A 98 -36.72 0.08 -9.99
CA GLY A 98 -37.65 -0.30 -8.94
C GLY A 98 -37.60 -1.75 -8.51
N ARG A 99 -38.73 -2.25 -8.03
CA ARG A 99 -38.83 -3.64 -7.59
C ARG A 99 -39.11 -4.58 -8.76
N ALA A 100 -38.59 -5.79 -8.67
CA ALA A 100 -38.80 -6.79 -9.72
C ALA A 100 -40.08 -7.58 -9.44
N LEU A 101 -41.19 -7.11 -9.99
CA LEU A 101 -42.47 -7.80 -9.82
C LEU A 101 -42.60 -8.83 -10.93
N PRO A 102 -43.32 -9.93 -10.68
CA PRO A 102 -43.50 -10.97 -11.69
C PRO A 102 -44.01 -10.44 -13.02
N ALA A 103 -44.99 -9.55 -12.96
CA ALA A 103 -45.57 -8.99 -14.17
C ALA A 103 -44.51 -8.30 -15.05
N ALA A 104 -43.48 -7.75 -14.43
CA ALA A 104 -42.42 -7.06 -15.18
C ALA A 104 -41.37 -8.07 -15.64
N ALA A 105 -40.94 -8.91 -14.72
CA ALA A 105 -39.93 -9.91 -15.01
C ALA A 105 -40.36 -10.84 -16.15
N TRP A 106 -41.59 -11.35 -16.08
CA TRP A 106 -42.07 -12.25 -17.12
C TRP A 106 -42.36 -11.53 -18.44
N SER A 107 -42.56 -10.21 -18.38
CA SER A 107 -42.81 -9.45 -19.60
C SER A 107 -41.51 -9.30 -20.39
N LEU A 108 -40.40 -9.20 -19.68
CA LEU A 108 -39.09 -9.08 -20.32
C LEU A 108 -38.72 -10.44 -20.91
N TYR A 109 -39.00 -11.49 -20.15
CA TYR A 109 -38.72 -12.85 -20.58
C TYR A 109 -39.47 -13.18 -21.86
N GLN A 110 -40.75 -12.82 -21.91
CA GLN A 110 -41.55 -13.09 -23.09
C GLN A 110 -41.04 -12.22 -24.23
N ALA A 111 -40.33 -11.16 -23.88
CA ALA A 111 -39.80 -10.25 -24.90
C ALA A 111 -38.43 -10.75 -25.37
N GLY A 112 -38.12 -12.00 -25.00
CA GLY A 112 -36.87 -12.61 -25.41
C GLY A 112 -35.67 -12.28 -24.56
N CYS A 113 -35.89 -11.64 -23.43
CA CYS A 113 -34.79 -11.28 -22.53
C CYS A 113 -34.45 -12.41 -21.57
N SER A 114 -33.17 -12.51 -21.21
CA SER A 114 -32.71 -13.53 -20.29
C SER A 114 -32.68 -12.93 -18.89
N LEU A 115 -33.01 -13.73 -17.89
CA LEU A 115 -32.99 -13.22 -16.53
C LEU A 115 -31.84 -13.82 -15.73
N ARG A 116 -31.16 -12.95 -14.96
CA ARG A 116 -30.05 -13.38 -14.12
C ARG A 116 -30.33 -12.86 -12.71
N LEU A 117 -30.49 -13.80 -11.80
CA LEU A 117 -30.75 -13.47 -10.41
C LEU A 117 -29.46 -13.66 -9.63
N CYS A 118 -28.96 -12.57 -9.06
CA CYS A 118 -27.71 -12.63 -8.30
C CYS A 118 -27.92 -13.12 -6.87
N SER A 119 -27.02 -13.98 -6.40
CA SER A 119 -27.03 -14.52 -5.04
C SER A 119 -28.32 -15.09 -4.48
N PRO A 120 -28.87 -16.11 -5.14
CA PRO A 120 -30.11 -16.69 -4.63
C PRO A 120 -29.95 -17.32 -3.25
N GLN A 121 -28.71 -17.47 -2.80
CA GLN A 121 -28.47 -18.05 -1.48
C GLN A 121 -29.07 -17.17 -0.38
N ALA A 122 -29.21 -15.87 -0.64
CA ALA A 122 -29.78 -14.94 0.32
C ALA A 122 -31.29 -15.12 0.46
N PHE A 123 -31.92 -15.80 -0.50
CA PHE A 123 -33.37 -16.02 -0.50
C PHE A 123 -33.80 -17.48 -0.38
N SER A 124 -33.13 -18.35 -1.12
CA SER A 124 -33.41 -19.79 -1.12
C SER A 124 -32.58 -20.53 -0.08
N THR A 125 -33.23 -21.29 0.81
CA THR A 125 -32.47 -22.01 1.82
C THR A 125 -31.73 -23.26 1.31
N THR A 126 -32.20 -23.82 0.19
CA THR A 126 -31.55 -25.01 -0.34
C THR A 126 -30.22 -24.62 -0.97
N VAL A 127 -30.23 -23.58 -1.78
CA VAL A 127 -29.01 -23.11 -2.40
C VAL A 127 -28.02 -22.73 -1.31
N TRP A 128 -28.51 -22.02 -0.31
CA TRP A 128 -27.67 -21.58 0.79
C TRP A 128 -26.90 -22.76 1.38
N GLN A 129 -27.64 -23.78 1.78
CA GLN A 129 -27.05 -24.98 2.37
C GLN A 129 -25.99 -25.57 1.45
N PHE A 130 -26.31 -25.61 0.16
CA PHE A 130 -25.41 -26.14 -0.86
C PHE A 130 -24.07 -25.40 -0.84
N LEU A 131 -24.13 -24.08 -0.96
CA LEU A 131 -22.97 -23.21 -0.94
C LEU A 131 -22.30 -23.17 0.42
N ALA A 132 -23.09 -23.21 1.48
CA ALA A 132 -22.50 -23.14 2.81
C ALA A 132 -21.62 -24.36 3.03
N VAL A 133 -22.05 -25.51 2.51
CA VAL A 133 -21.25 -26.71 2.64
C VAL A 133 -20.02 -26.75 1.73
N LEU A 134 -20.19 -26.36 0.48
CA LEU A 134 -19.08 -26.38 -0.49
C LEU A 134 -17.96 -25.37 -0.24
N GLN A 135 -18.29 -24.25 0.41
CA GLN A 135 -17.30 -23.20 0.69
C GLN A 135 -16.19 -23.78 1.57
N GLU A 136 -16.57 -24.67 2.48
CA GLU A 136 -15.62 -25.31 3.39
C GLU A 136 -14.54 -26.08 2.63
N GLN A 137 -14.94 -26.90 1.66
CA GLN A 137 -13.95 -27.61 0.90
C GLN A 137 -13.29 -26.74 -0.19
N PHE A 138 -13.79 -25.53 -0.43
CA PHE A 138 -13.16 -24.66 -1.42
C PHE A 138 -12.08 -23.79 -0.78
N GLY A 139 -12.21 -23.55 0.52
CA GLY A 139 -11.26 -22.71 1.22
C GLY A 139 -11.45 -21.28 0.75
N SER A 140 -12.56 -21.06 0.06
CA SER A 140 -12.85 -19.75 -0.48
C SER A 140 -14.35 -19.60 -0.65
N MET A 141 -14.83 -18.36 -0.64
CA MET A 141 -16.25 -18.09 -0.78
C MET A 141 -16.89 -18.69 -2.04
N ALA A 142 -18.04 -19.35 -1.85
CA ALA A 142 -18.80 -19.96 -2.95
C ALA A 142 -20.04 -19.13 -3.25
N GLY A 143 -20.07 -18.42 -4.37
CA GLY A 143 -21.25 -17.64 -4.68
C GLY A 143 -22.09 -18.35 -5.73
N SER A 144 -23.13 -17.69 -6.22
CA SER A 144 -23.94 -18.30 -7.27
C SER A 144 -24.84 -17.28 -7.91
N ASN A 145 -25.22 -17.59 -9.14
CA ASN A 145 -26.10 -16.78 -9.93
C ASN A 145 -27.02 -17.77 -10.68
N VAL A 146 -28.29 -17.42 -10.81
CA VAL A 146 -29.21 -18.26 -11.54
C VAL A 146 -29.48 -17.54 -12.85
N TYR A 147 -29.42 -18.30 -13.93
CA TYR A 147 -29.65 -17.78 -15.27
C TYR A 147 -30.84 -18.49 -15.90
N LEU A 148 -31.77 -17.70 -16.44
CA LEU A 148 -32.97 -18.19 -17.07
C LEU A 148 -33.08 -17.56 -18.45
N THR A 149 -33.09 -18.39 -19.47
CA THR A 149 -33.16 -17.89 -20.83
C THR A 149 -34.35 -18.48 -21.56
N PRO A 150 -35.12 -17.62 -22.25
CA PRO A 150 -36.30 -18.03 -23.02
C PRO A 150 -35.90 -18.79 -24.29
N PRO A 151 -36.84 -19.49 -24.92
CA PRO A 151 -36.56 -20.24 -26.15
C PRO A 151 -36.06 -19.41 -27.33
N ASN A 152 -35.15 -20.00 -28.10
CA ASN A 152 -34.61 -19.34 -29.28
C ASN A 152 -34.07 -17.95 -28.98
N SER A 153 -32.96 -17.90 -28.24
CA SER A 153 -32.35 -16.62 -27.87
C SER A 153 -31.03 -16.74 -27.08
N GLN A 154 -30.36 -15.62 -26.96
CA GLN A 154 -29.12 -15.56 -26.21
C GLN A 154 -29.18 -14.28 -25.38
N GLY A 155 -28.93 -14.41 -24.08
CA GLY A 155 -28.98 -13.25 -23.23
C GLY A 155 -27.64 -12.56 -23.03
N PHE A 156 -26.57 -13.33 -23.10
CA PHE A 156 -25.25 -12.76 -22.86
C PHE A 156 -24.27 -12.87 -24.03
N ALA A 157 -23.40 -11.87 -24.14
CA ALA A 157 -22.42 -11.85 -25.19
C ALA A 157 -21.25 -12.69 -24.73
N PRO A 158 -20.40 -13.14 -25.67
CA PRO A 158 -19.24 -13.94 -25.27
C PRO A 158 -18.37 -13.12 -24.28
N HIS A 159 -17.90 -13.77 -23.23
CA HIS A 159 -17.10 -13.15 -22.19
C HIS A 159 -16.43 -14.20 -21.37
N TYR A 160 -15.51 -13.82 -20.49
CA TYR A 160 -14.99 -14.77 -19.53
C TYR A 160 -15.22 -14.10 -18.17
N ASP A 161 -15.15 -14.87 -17.09
CA ASP A 161 -15.39 -14.34 -15.76
C ASP A 161 -14.11 -14.45 -14.93
N ASP A 162 -14.09 -13.76 -13.78
CA ASP A 162 -12.91 -13.74 -12.90
C ASP A 162 -12.93 -14.82 -11.81
N ILE A 163 -13.73 -15.87 -12.00
CA ILE A 163 -13.84 -16.95 -11.03
C ILE A 163 -13.95 -18.34 -11.67
N GLU A 164 -13.77 -19.38 -10.84
CA GLU A 164 -13.90 -20.76 -11.30
C GLU A 164 -15.40 -20.99 -11.33
N ALA A 165 -15.91 -21.42 -12.47
CA ALA A 165 -17.32 -21.62 -12.65
C ALA A 165 -17.76 -23.05 -12.81
N PHE A 166 -18.86 -23.39 -12.15
CA PHE A 166 -19.44 -24.71 -12.22
C PHE A 166 -20.89 -24.46 -12.63
N VAL A 167 -21.22 -24.81 -13.87
CA VAL A 167 -22.56 -24.61 -14.38
C VAL A 167 -23.44 -25.85 -14.24
N LEU A 168 -24.48 -25.74 -13.42
CA LEU A 168 -25.41 -26.83 -13.19
C LEU A 168 -26.66 -26.59 -14.04
N GLN A 169 -26.95 -27.51 -14.94
CA GLN A 169 -28.14 -27.38 -15.79
C GLN A 169 -29.34 -27.84 -14.97
N LEU A 170 -30.24 -26.91 -14.69
CA LEU A 170 -31.42 -27.22 -13.89
C LEU A 170 -32.66 -27.68 -14.66
N GLU A 171 -32.94 -26.99 -15.77
CA GLU A 171 -34.12 -27.26 -16.60
C GLU A 171 -33.84 -26.83 -18.05
N GLY A 172 -34.49 -27.52 -18.98
CA GLY A 172 -34.32 -27.18 -20.38
C GLY A 172 -33.03 -27.65 -20.99
N ARG A 173 -32.62 -26.97 -22.06
CA ARG A 173 -31.41 -27.32 -22.76
C ARG A 173 -30.77 -26.01 -23.21
N LYS A 174 -29.47 -26.04 -23.44
CA LYS A 174 -28.81 -24.83 -23.89
C LYS A 174 -27.55 -25.19 -24.66
N LEU A 175 -27.25 -24.42 -25.71
CA LEU A 175 -26.05 -24.68 -26.49
C LEU A 175 -24.91 -23.86 -25.95
N TRP A 176 -23.94 -24.53 -25.34
CA TRP A 176 -22.77 -23.89 -24.76
C TRP A 176 -21.52 -24.01 -25.64
N ARG A 177 -20.69 -22.98 -25.63
CA ARG A 177 -19.42 -23.01 -26.36
C ARG A 177 -18.40 -22.47 -25.39
N VAL A 178 -17.34 -23.22 -25.17
CA VAL A 178 -16.31 -22.76 -24.24
C VAL A 178 -15.01 -22.68 -25.03
N TYR A 179 -14.26 -21.62 -24.80
CA TYR A 179 -13.00 -21.38 -25.51
C TYR A 179 -11.82 -21.37 -24.55
N ARG A 180 -10.68 -21.91 -24.99
CA ARG A 180 -9.48 -21.78 -24.18
C ARG A 180 -8.97 -20.36 -24.21
N PRO A 181 -8.25 -19.93 -23.18
CA PRO A 181 -7.79 -18.54 -23.17
C PRO A 181 -7.12 -18.17 -24.50
N ARG A 182 -7.38 -16.97 -25.00
CA ARG A 182 -6.81 -16.57 -26.26
C ARG A 182 -5.33 -16.24 -26.13
N ALA A 183 -4.98 -15.44 -25.11
CA ALA A 183 -3.59 -15.05 -24.91
C ALA A 183 -3.06 -15.40 -23.52
N PRO A 184 -1.73 -15.50 -23.40
CA PRO A 184 -1.08 -15.83 -22.12
C PRO A 184 -1.63 -14.96 -21.00
N THR A 185 -1.85 -13.68 -21.30
CA THR A 185 -2.36 -12.74 -20.32
C THR A 185 -3.79 -13.05 -19.86
N GLU A 186 -4.60 -13.65 -20.75
CA GLU A 186 -5.98 -13.96 -20.40
C GLU A 186 -6.12 -15.25 -19.60
N GLU A 187 -5.06 -16.06 -19.56
CA GLU A 187 -5.08 -17.31 -18.81
C GLU A 187 -5.27 -16.93 -17.34
N LEU A 188 -6.19 -17.60 -16.67
CA LEU A 188 -6.50 -17.31 -15.26
C LEU A 188 -6.53 -15.80 -15.08
N ALA A 189 -7.45 -15.16 -15.79
CA ALA A 189 -7.57 -13.70 -15.72
C ALA A 189 -7.96 -13.22 -14.32
N LEU A 190 -7.42 -12.06 -13.94
CA LEU A 190 -7.69 -11.47 -12.64
C LEU A 190 -9.03 -10.75 -12.55
N THR A 191 -9.45 -10.14 -13.66
CA THR A 191 -10.71 -9.41 -13.71
C THR A 191 -11.62 -9.93 -14.82
N SER A 192 -12.93 -9.73 -14.68
CA SER A 192 -13.88 -10.16 -15.70
C SER A 192 -13.59 -9.37 -16.95
N SER A 193 -14.05 -9.89 -18.07
CA SER A 193 -13.82 -9.25 -19.34
C SER A 193 -15.01 -8.48 -19.87
N PRO A 194 -14.79 -7.72 -20.94
CA PRO A 194 -15.89 -6.97 -21.53
C PRO A 194 -16.62 -7.94 -22.46
N ASN A 195 -17.72 -7.49 -23.05
CA ASN A 195 -18.47 -8.32 -23.96
C ASN A 195 -17.69 -8.39 -25.28
N PHE A 196 -17.53 -9.60 -25.83
CA PHE A 196 -16.80 -9.78 -27.08
C PHE A 196 -17.75 -10.06 -28.23
N SER A 197 -17.16 -9.97 -29.39
CA SER A 197 -17.89 -10.29 -30.60
C SER A 197 -17.41 -11.63 -31.12
N GLN A 198 -18.12 -12.16 -32.12
CA GLN A 198 -17.86 -13.53 -32.59
CA GLN A 198 -17.88 -13.51 -32.57
C GLN A 198 -16.46 -13.47 -33.13
N ASP A 199 -16.04 -12.34 -33.66
CA ASP A 199 -14.76 -12.34 -34.36
C ASP A 199 -13.60 -12.19 -33.39
N ASP A 200 -13.88 -11.87 -32.13
CA ASP A 200 -12.82 -11.85 -31.13
C ASP A 200 -12.48 -13.27 -30.64
N LEU A 201 -13.27 -14.26 -31.06
CA LEU A 201 -13.06 -15.65 -30.62
C LEU A 201 -12.58 -16.57 -31.73
N GLY A 202 -11.86 -17.62 -31.33
CA GLY A 202 -11.39 -18.59 -32.30
C GLY A 202 -12.37 -19.74 -32.31
N GLU A 203 -11.86 -20.97 -32.44
CA GLU A 203 -12.73 -22.13 -32.44
C GLU A 203 -12.90 -22.65 -31.00
N PRO A 204 -14.09 -23.20 -30.69
CA PRO A 204 -14.34 -23.72 -29.34
C PRO A 204 -13.59 -25.00 -29.04
N VAL A 205 -13.14 -25.13 -27.80
CA VAL A 205 -12.45 -26.33 -27.34
C VAL A 205 -13.55 -27.25 -26.82
N LEU A 206 -14.73 -26.68 -26.60
CA LEU A 206 -15.85 -27.46 -26.08
C LEU A 206 -17.19 -26.83 -26.51
N GLN A 207 -18.00 -27.58 -27.23
CA GLN A 207 -19.29 -27.09 -27.69
C GLN A 207 -20.26 -28.21 -27.46
N THR A 208 -21.34 -27.93 -26.74
CA THR A 208 -22.26 -29.00 -26.45
C THR A 208 -23.59 -28.51 -25.93
N VAL A 209 -24.56 -29.42 -25.92
CA VAL A 209 -25.90 -29.13 -25.42
C VAL A 209 -25.97 -29.71 -24.03
N LEU A 210 -26.30 -28.87 -23.06
CA LEU A 210 -26.43 -29.29 -21.68
C LEU A 210 -27.88 -29.64 -21.40
N GLU A 211 -28.10 -30.74 -20.70
CA GLU A 211 -29.44 -31.17 -20.33
C GLU A 211 -29.47 -31.27 -18.81
N PRO A 212 -30.67 -31.11 -18.22
CA PRO A 212 -30.85 -31.18 -16.76
C PRO A 212 -30.01 -32.27 -16.11
N GLY A 213 -29.19 -31.87 -15.15
CA GLY A 213 -28.34 -32.81 -14.46
C GLY A 213 -26.87 -32.70 -14.82
N ASP A 214 -26.59 -32.17 -16.00
CA ASP A 214 -25.19 -32.03 -16.42
C ASP A 214 -24.51 -30.89 -15.70
N LEU A 215 -23.19 -30.97 -15.69
CA LEU A 215 -22.34 -30.00 -15.05
C LEU A 215 -21.26 -29.60 -16.01
N LEU A 216 -21.01 -28.30 -16.08
CA LEU A 216 -19.97 -27.75 -16.95
C LEU A 216 -19.05 -26.91 -16.07
N TYR A 217 -17.77 -27.28 -16.06
CA TYR A 217 -16.79 -26.54 -15.31
C TYR A 217 -15.80 -25.89 -16.27
N PHE A 218 -15.42 -24.65 -15.99
CA PHE A 218 -14.38 -23.97 -16.77
C PHE A 218 -13.70 -22.93 -15.88
N PRO A 219 -12.37 -22.79 -16.05
CA PRO A 219 -11.53 -21.86 -15.30
C PRO A 219 -11.74 -20.38 -15.65
N ARG A 220 -11.32 -19.48 -14.76
CA ARG A 220 -11.45 -18.06 -15.05
C ARG A 220 -10.55 -17.76 -16.25
N GLY A 221 -11.05 -16.95 -17.17
CA GLY A 221 -10.27 -16.63 -18.35
C GLY A 221 -10.75 -17.41 -19.57
N PHE A 222 -11.56 -18.45 -19.36
CA PHE A 222 -12.08 -19.19 -20.51
C PHE A 222 -13.30 -18.44 -21.01
N ILE A 223 -13.25 -18.02 -22.27
CA ILE A 223 -14.39 -17.30 -22.85
C ILE A 223 -15.47 -18.33 -23.13
N HIS A 224 -16.70 -17.98 -22.82
CA HIS A 224 -17.80 -18.89 -23.03
C HIS A 224 -19.02 -18.11 -23.36
N GLN A 225 -19.92 -18.76 -24.10
CA GLN A 225 -21.20 -18.19 -24.51
C GLN A 225 -22.22 -19.32 -24.71
N ALA A 226 -23.50 -19.01 -24.50
CA ALA A 226 -24.54 -20.01 -24.66
C ALA A 226 -25.84 -19.43 -25.22
N GLU A 227 -26.63 -20.28 -25.86
CA GLU A 227 -27.90 -19.85 -26.43
C GLU A 227 -28.95 -20.98 -26.42
N CYS A 228 -30.23 -20.60 -26.42
CA CYS A 228 -31.32 -21.56 -26.43
C CYS A 228 -31.81 -21.70 -27.87
N GLN A 229 -32.19 -22.92 -28.23
CA GLN A 229 -32.66 -23.19 -29.57
C GLN A 229 -33.67 -24.35 -29.55
N ASP A 230 -34.34 -24.57 -30.68
CA ASP A 230 -35.32 -25.63 -30.83
C ASP A 230 -36.57 -25.41 -29.99
N GLY A 231 -36.93 -24.15 -29.79
CA GLY A 231 -38.11 -23.83 -29.01
C GLY A 231 -38.19 -24.32 -27.57
N VAL A 232 -37.10 -24.22 -26.81
CA VAL A 232 -37.15 -24.63 -25.40
C VAL A 232 -36.32 -23.66 -24.56
N HIS A 233 -36.73 -23.45 -23.30
CA HIS A 233 -36.02 -22.53 -22.43
C HIS A 233 -34.84 -23.19 -21.73
N SER A 234 -34.16 -22.42 -20.89
CA SER A 234 -33.07 -22.96 -20.13
C SER A 234 -32.94 -22.28 -18.78
N LEU A 235 -32.57 -23.08 -17.80
CA LEU A 235 -32.38 -22.62 -16.46
C LEU A 235 -31.19 -23.32 -15.87
N HIS A 236 -30.19 -22.54 -15.51
CA HIS A 236 -29.04 -23.14 -14.87
C HIS A 236 -28.60 -22.26 -13.73
N LEU A 237 -27.81 -22.85 -12.85
CA LEU A 237 -27.26 -22.19 -11.69
C LEU A 237 -25.75 -22.25 -11.87
N THR A 238 -25.08 -21.11 -11.85
CA THR A 238 -23.62 -21.06 -11.99
C THR A 238 -22.99 -20.84 -10.62
N LEU A 239 -22.34 -21.89 -10.14
CA LEU A 239 -21.68 -21.84 -8.87
C LEU A 239 -20.29 -21.30 -9.19
N SER A 240 -19.82 -20.37 -8.38
CA SER A 240 -18.52 -19.78 -8.60
C SER A 240 -17.78 -19.62 -7.30
N THR A 241 -16.46 -19.51 -7.44
CA THR A 241 -15.61 -19.35 -6.30
C THR A 241 -14.24 -18.89 -6.77
N TYR A 242 -13.29 -18.82 -5.84
CA TYR A 242 -11.93 -18.41 -6.13
C TYR A 242 -11.75 -17.03 -6.76
N GLN A 243 -12.40 -16.01 -6.20
CA GLN A 243 -12.25 -14.66 -6.75
C GLN A 243 -11.12 -13.96 -6.02
N ARG A 244 -10.02 -13.70 -6.72
CA ARG A 244 -8.86 -13.03 -6.15
C ARG A 244 -8.22 -13.84 -5.01
N ASN A 245 -8.03 -15.13 -5.22
CA ASN A 245 -7.42 -16.00 -4.20
C ASN A 245 -6.14 -16.60 -4.80
N THR A 246 -5.36 -15.72 -5.44
CA THR A 246 -4.13 -16.08 -6.12
C THR A 246 -2.88 -15.78 -5.30
N TRP A 247 -1.74 -16.37 -5.68
CA TRP A 247 -0.47 -16.14 -4.99
C TRP A 247 -0.11 -14.67 -5.03
N GLY A 248 -0.56 -14.01 -6.10
CA GLY A 248 -0.30 -12.58 -6.25
C GLY A 248 -1.01 -11.80 -5.16
N ASP A 249 -2.28 -12.13 -4.91
CA ASP A 249 -3.04 -11.42 -3.88
C ASP A 249 -2.38 -11.62 -2.53
N PHE A 250 -1.83 -12.80 -2.34
CA PHE A 250 -1.14 -13.15 -1.11
C PHE A 250 0.08 -12.22 -0.97
N LEU A 251 0.92 -12.21 -2.01
CA LEU A 251 2.12 -11.38 -2.06
C LEU A 251 1.77 -9.93 -1.82
N GLU A 252 0.68 -9.49 -2.43
CA GLU A 252 0.18 -8.12 -2.34
C GLU A 252 0.09 -7.65 -0.89
N ALA A 253 -0.14 -8.59 0.01
CA ALA A 253 -0.27 -8.29 1.44
C ALA A 253 1.01 -8.53 2.22
N ILE A 254 1.77 -9.54 1.80
CA ILE A 254 3.00 -9.91 2.47
C ILE A 254 4.12 -8.88 2.27
N LEU A 255 4.27 -8.39 1.05
CA LEU A 255 5.35 -7.44 0.75
C LEU A 255 5.42 -6.17 1.56
N PRO A 256 4.31 -5.43 1.65
CA PRO A 256 4.37 -4.20 2.45
C PRO A 256 4.98 -4.49 3.83
N LEU A 257 4.51 -5.56 4.47
CA LEU A 257 4.99 -5.97 5.78
C LEU A 257 6.42 -6.49 5.72
N ALA A 258 6.75 -7.17 4.63
CA ALA A 258 8.10 -7.72 4.45
C ALA A 258 9.18 -6.64 4.49
N VAL A 259 8.99 -5.57 3.73
CA VAL A 259 9.98 -4.51 3.70
C VAL A 259 9.94 -3.71 5.00
N GLN A 260 8.79 -3.78 5.66
CA GLN A 260 8.58 -3.09 6.93
C GLN A 260 9.39 -3.78 8.04
N ALA A 261 9.45 -5.11 8.02
CA ALA A 261 10.20 -5.87 9.01
C ALA A 261 11.68 -5.88 8.69
N ALA A 262 12.01 -5.96 7.40
CA ALA A 262 13.40 -5.95 6.96
C ALA A 262 14.04 -4.64 7.38
N MET A 263 13.40 -3.53 7.00
CA MET A 263 13.89 -2.21 7.34
C MET A 263 14.15 -2.09 8.85
N GLU A 264 13.37 -2.80 9.64
CA GLU A 264 13.54 -2.73 11.09
C GLU A 264 14.61 -3.67 11.62
N GLU A 265 14.80 -4.80 10.97
CA GLU A 265 15.78 -5.77 11.47
C GLU A 265 17.06 -5.94 10.65
N ASN A 266 17.20 -5.17 9.58
CA ASN A 266 18.40 -5.27 8.77
C ASN A 266 18.83 -3.91 8.23
N VAL A 267 19.96 -3.42 8.72
CA VAL A 267 20.52 -2.14 8.34
C VAL A 267 20.67 -1.93 6.83
N GLU A 268 20.99 -3.01 6.10
CA GLU A 268 21.16 -2.91 4.65
C GLU A 268 19.96 -2.30 3.95
N PHE A 269 18.79 -2.41 4.56
CA PHE A 269 17.57 -1.85 3.99
C PHE A 269 17.38 -0.44 4.53
N ARG A 270 18.23 -0.07 5.49
CA ARG A 270 18.16 1.27 6.07
C ARG A 270 19.28 2.16 5.51
N ARG A 271 20.11 1.66 4.60
CA ARG A 271 21.18 2.51 4.07
C ARG A 271 20.63 3.53 3.06
N GLY A 272 21.10 4.77 3.16
CA GLY A 272 20.65 5.81 2.27
C GLY A 272 20.88 5.44 0.82
N LEU A 273 20.05 5.98 -0.07
CA LEU A 273 20.19 5.73 -1.49
C LEU A 273 21.38 6.57 -1.98
N PRO A 274 21.75 6.42 -3.25
CA PRO A 274 22.87 7.18 -3.80
C PRO A 274 22.45 8.66 -3.89
N ARG A 275 23.39 9.57 -3.68
CA ARG A 275 23.09 10.99 -3.74
C ARG A 275 22.78 11.46 -5.16
N ASP A 276 23.14 10.67 -6.14
CA ASP A 276 22.91 11.10 -7.51
C ASP A 276 22.26 10.05 -8.39
N PHE A 277 21.52 9.13 -7.78
CA PHE A 277 20.89 8.06 -8.58
C PHE A 277 19.90 8.64 -9.56
N MET A 278 19.46 9.86 -9.30
CA MET A 278 18.51 10.52 -10.18
C MET A 278 19.16 10.89 -11.52
N ASP A 279 20.50 10.87 -11.58
CA ASP A 279 21.22 11.20 -12.79
C ASP A 279 21.24 10.04 -13.78
N TYR A 280 21.17 8.81 -13.29
CA TYR A 280 21.17 7.65 -14.16
C TYR A 280 19.93 6.74 -14.05
N MET A 281 19.05 7.02 -13.10
CA MET A 281 17.81 6.24 -12.94
C MET A 281 16.64 7.14 -13.32
N GLY A 282 15.71 6.59 -14.09
CA GLY A 282 14.55 7.36 -14.52
C GLY A 282 14.27 7.01 -15.98
N ALA A 283 13.04 7.25 -16.43
CA ALA A 283 12.64 6.94 -17.81
C ALA A 283 13.63 7.43 -18.87
N GLN A 284 13.94 8.73 -18.84
CA GLN A 284 14.87 9.31 -19.81
C GLN A 284 16.24 8.64 -19.78
N HIS A 285 16.65 8.17 -18.60
CA HIS A 285 17.95 7.52 -18.46
C HIS A 285 17.84 5.99 -18.62
N SER A 286 17.02 5.54 -19.56
CA SER A 286 16.82 4.11 -19.80
C SER A 286 17.94 3.47 -20.61
N ASP A 287 18.42 4.19 -21.61
CA ASP A 287 19.47 3.69 -22.49
C ASP A 287 20.87 4.02 -21.99
N SER A 288 20.97 4.65 -20.82
CA SER A 288 22.26 5.02 -20.27
C SER A 288 23.18 3.81 -20.11
N LYS A 289 24.42 3.97 -20.57
CA LYS A 289 25.40 2.91 -20.47
C LYS A 289 26.10 3.01 -19.13
N ASP A 290 25.59 3.90 -18.27
CA ASP A 290 26.17 4.11 -16.95
C ASP A 290 26.26 2.80 -16.16
N PRO A 291 27.48 2.31 -15.92
CA PRO A 291 27.67 1.06 -15.16
C PRO A 291 27.06 1.12 -13.77
N ARG A 292 26.73 2.33 -13.32
CA ARG A 292 26.13 2.52 -12.00
C ARG A 292 24.64 2.14 -12.05
N ARG A 293 24.05 2.28 -13.23
CA ARG A 293 22.65 1.94 -13.40
C ARG A 293 22.47 0.44 -13.18
N THR A 294 23.25 -0.37 -13.89
CA THR A 294 23.14 -1.82 -13.72
C THR A 294 23.50 -2.23 -12.28
N ALA A 295 24.34 -1.45 -11.61
CA ALA A 295 24.69 -1.78 -10.24
C ALA A 295 23.44 -1.52 -9.37
N PHE A 296 22.79 -0.40 -9.65
CA PHE A 296 21.59 -0.02 -8.91
C PHE A 296 20.54 -1.12 -9.13
N MET A 297 20.39 -1.52 -10.40
CA MET A 297 19.43 -2.56 -10.76
C MET A 297 19.73 -3.84 -10.01
N GLU A 298 20.99 -4.27 -10.04
CA GLU A 298 21.41 -5.49 -9.37
C GLU A 298 21.12 -5.45 -7.88
N LYS A 299 21.43 -4.33 -7.23
CA LYS A 299 21.18 -4.21 -5.80
C LYS A 299 19.68 -4.31 -5.50
N VAL A 300 18.86 -3.69 -6.34
CA VAL A 300 17.43 -3.76 -6.13
C VAL A 300 16.94 -5.20 -6.18
N ARG A 301 17.52 -5.99 -7.07
CA ARG A 301 17.16 -7.39 -7.22
C ARG A 301 17.64 -8.23 -6.05
N VAL A 302 18.81 -7.90 -5.52
CA VAL A 302 19.33 -8.64 -4.38
C VAL A 302 18.53 -8.34 -3.12
N LEU A 303 18.07 -7.10 -2.99
CA LEU A 303 17.29 -6.72 -1.82
C LEU A 303 15.92 -7.38 -1.85
N VAL A 304 15.30 -7.40 -3.01
CA VAL A 304 13.99 -8.01 -3.15
C VAL A 304 14.09 -9.48 -2.76
N ALA A 305 15.01 -10.21 -3.39
CA ALA A 305 15.19 -11.62 -3.09
C ALA A 305 15.31 -11.85 -1.58
N ARG A 306 16.01 -10.96 -0.89
CA ARG A 306 16.18 -11.10 0.56
CA ARG A 306 16.20 -11.05 0.57
C ARG A 306 14.85 -11.01 1.31
N LEU A 307 13.88 -10.26 0.78
CA LEU A 307 12.63 -10.02 1.48
C LEU A 307 11.87 -11.28 1.85
N GLY A 308 12.17 -12.38 1.19
CA GLY A 308 11.47 -13.61 1.48
C GLY A 308 11.72 -14.04 2.91
N HIS A 309 12.92 -13.78 3.39
CA HIS A 309 13.32 -14.14 4.74
C HIS A 309 12.47 -13.43 5.81
N PHE A 310 12.10 -12.19 5.54
CA PHE A 310 11.33 -11.40 6.48
C PHE A 310 9.80 -11.50 6.34
N ALA A 311 9.34 -12.23 5.33
CA ALA A 311 7.92 -12.38 5.06
C ALA A 311 7.09 -13.01 6.19
N PRO A 312 6.12 -12.26 6.74
CA PRO A 312 5.24 -12.73 7.82
C PRO A 312 4.06 -13.51 7.23
N VAL A 313 4.40 -14.63 6.58
CA VAL A 313 3.42 -15.48 5.92
C VAL A 313 2.26 -15.89 6.80
N ASP A 314 2.56 -16.41 7.99
CA ASP A 314 1.49 -16.83 8.90
C ASP A 314 0.51 -15.73 9.26
N ALA A 315 0.99 -14.50 9.36
CA ALA A 315 0.13 -13.37 9.72
C ALA A 315 -0.88 -13.07 8.62
N VAL A 316 -0.39 -13.01 7.38
CA VAL A 316 -1.25 -12.74 6.23
C VAL A 316 -2.21 -13.92 6.06
N ALA A 317 -1.70 -15.12 6.34
CA ALA A 317 -2.50 -16.32 6.25
C ALA A 317 -3.70 -16.13 7.15
N ASP A 318 -3.45 -15.72 8.39
CA ASP A 318 -4.53 -15.50 9.34
C ASP A 318 -5.46 -14.38 8.89
N GLN A 319 -4.89 -13.33 8.29
CA GLN A 319 -5.71 -12.24 7.79
C GLN A 319 -6.66 -12.73 6.70
N ARG A 320 -6.15 -13.48 5.72
CA ARG A 320 -7.02 -13.99 4.67
C ARG A 320 -8.05 -14.94 5.26
N ALA A 321 -7.66 -15.62 6.34
CA ALA A 321 -8.55 -16.55 7.00
C ALA A 321 -9.69 -15.75 7.64
N LYS A 322 -9.33 -14.61 8.24
CA LYS A 322 -10.33 -13.78 8.89
C LYS A 322 -11.30 -13.21 7.85
N ASP A 323 -10.77 -12.88 6.68
CA ASP A 323 -11.59 -12.34 5.62
C ASP A 323 -12.50 -13.41 5.03
N PHE A 324 -12.03 -14.64 4.99
CA PHE A 324 -12.84 -15.72 4.48
C PHE A 324 -13.96 -15.97 5.48
N ILE A 325 -13.67 -15.83 6.77
CA ILE A 325 -14.69 -16.05 7.80
C ILE A 325 -15.78 -14.98 7.73
N HIS A 326 -15.39 -13.75 7.43
CA HIS A 326 -16.34 -12.64 7.31
C HIS A 326 -17.13 -12.84 6.02
N ASP A 327 -16.45 -13.41 5.03
CA ASP A 327 -17.03 -13.68 3.72
C ASP A 327 -17.99 -14.88 3.72
N SER A 328 -17.73 -15.82 4.61
CA SER A 328 -18.52 -17.04 4.70
C SER A 328 -19.99 -16.87 4.99
N LEU A 329 -20.76 -17.78 4.42
CA LEU A 329 -22.20 -17.80 4.66
C LEU A 329 -22.33 -18.48 6.01
N PRO A 330 -23.45 -18.26 6.69
CA PRO A 330 -23.62 -18.90 7.99
C PRO A 330 -23.71 -20.42 7.81
N PRO A 331 -23.25 -21.17 8.80
CA PRO A 331 -23.28 -22.64 8.75
C PRO A 331 -24.69 -23.23 8.81
N VAL A 332 -24.87 -24.35 8.12
CA VAL A 332 -26.13 -25.06 8.13
C VAL A 332 -25.88 -26.19 9.10
N LEU A 333 -26.71 -26.30 10.14
CA LEU A 333 -26.51 -27.33 11.14
C LEU A 333 -27.27 -28.62 10.87
N THR A 334 -26.66 -29.73 11.26
CA THR A 334 -27.29 -31.04 11.12
C THR A 334 -28.15 -31.15 12.38
N ASP A 335 -29.16 -32.01 12.34
CA ASP A 335 -30.02 -32.19 13.49
C ASP A 335 -29.19 -32.45 14.75
N ARG A 336 -28.20 -33.33 14.63
CA ARG A 336 -27.35 -33.70 15.76
CA ARG A 336 -27.37 -33.68 15.78
C ARG A 336 -26.60 -32.51 16.34
N GLU A 337 -26.04 -31.67 15.48
CA GLU A 337 -25.31 -30.50 15.93
C GLU A 337 -26.23 -29.52 16.61
N ARG A 338 -27.42 -29.34 16.05
CA ARG A 338 -28.38 -28.47 16.71
CA ARG A 338 -28.38 -28.47 16.71
C ARG A 338 -28.84 -28.93 18.09
N ALA A 339 -29.11 -30.23 18.14
CA ALA A 339 -29.55 -30.88 19.37
C ALA A 339 -28.52 -30.82 20.49
N LEU A 340 -27.24 -30.73 20.11
CA LEU A 340 -26.15 -30.67 21.08
C LEU A 340 -25.56 -29.29 21.26
N SER A 341 -26.15 -28.28 20.64
CA SER A 341 -25.62 -26.93 20.77
C SER A 341 -26.61 -26.02 21.48
N VAL A 342 -26.23 -24.78 21.73
CA VAL A 342 -27.11 -23.88 22.44
C VAL A 342 -28.41 -23.66 21.67
N TYR A 343 -28.34 -23.83 20.36
CA TYR A 343 -29.51 -23.65 19.47
C TYR A 343 -30.60 -24.66 19.78
N GLY A 344 -30.20 -25.85 20.23
CA GLY A 344 -31.15 -26.89 20.53
C GLY A 344 -31.62 -27.01 21.97
N LEU A 345 -31.03 -26.24 22.88
CA LEU A 345 -31.44 -26.30 24.28
C LEU A 345 -32.95 -26.15 24.34
N PRO A 346 -33.63 -27.07 25.07
CA PRO A 346 -35.08 -27.15 25.27
C PRO A 346 -35.70 -25.95 25.98
N ILE A 347 -34.89 -24.98 26.38
CA ILE A 347 -35.40 -23.81 27.08
C ILE A 347 -36.33 -22.99 26.19
N ARG A 348 -37.62 -23.10 26.45
CA ARG A 348 -38.66 -22.41 25.70
C ARG A 348 -39.62 -21.73 26.68
N TRP A 349 -40.82 -21.42 26.17
CA TRP A 349 -41.85 -20.77 26.96
C TRP A 349 -43.15 -21.57 26.91
N GLU A 350 -43.72 -21.84 28.08
CA GLU A 350 -44.97 -22.59 28.20
C GLU A 350 -45.95 -21.89 29.13
N GLY A 352 -46.95 -19.44 31.12
CA GLY A 352 -46.65 -18.19 31.79
C GLY A 352 -45.27 -18.15 32.41
N GLU A 353 -44.40 -19.06 31.99
CA GLU A 353 -43.04 -19.11 32.52
C GLU A 353 -42.16 -19.94 31.60
N PRO A 354 -40.86 -19.61 31.54
CA PRO A 354 -39.95 -20.36 30.68
C PRO A 354 -39.62 -21.72 31.32
N VAL A 355 -39.68 -22.79 30.52
CA VAL A 355 -39.40 -24.13 31.02
C VAL A 355 -38.08 -24.70 30.52
N ASN A 356 -37.53 -25.65 31.29
CA ASN A 356 -36.26 -26.30 30.96
C ASN A 356 -35.13 -25.28 30.85
N VAL A 357 -34.94 -24.46 31.90
CA VAL A 357 -33.90 -23.45 31.91
C VAL A 357 -32.94 -23.62 33.07
N GLY A 358 -31.66 -23.29 32.86
CA GLY A 358 -30.68 -23.44 33.92
C GLY A 358 -29.54 -24.40 33.64
N ALA A 359 -29.60 -25.08 32.50
CA ALA A 359 -28.55 -26.03 32.13
C ALA A 359 -27.21 -25.30 32.09
N GLN A 360 -26.14 -25.96 32.51
CA GLN A 360 -24.80 -25.35 32.50
C GLN A 360 -23.71 -26.40 32.28
N LEU A 361 -22.57 -25.98 31.75
CA LEU A 361 -21.47 -26.90 31.50
C LEU A 361 -20.73 -27.29 32.78
N THR A 362 -20.08 -28.44 32.77
CA THR A 362 -19.33 -28.90 33.93
C THR A 362 -17.96 -29.35 33.46
N THR A 363 -17.05 -29.60 34.39
CA THR A 363 -15.72 -30.04 34.02
C THR A 363 -15.75 -31.44 33.41
N GLU A 364 -16.82 -32.18 33.68
CA GLU A 364 -17.03 -33.53 33.19
C GLU A 364 -17.58 -33.49 31.76
N THR A 365 -18.16 -32.35 31.41
CA THR A 365 -18.74 -32.16 30.09
C THR A 365 -17.72 -32.37 29.00
N GLU A 366 -18.13 -33.12 27.99
CA GLU A 366 -17.28 -33.43 26.88
C GLU A 366 -17.72 -32.52 25.75
N VAL A 367 -16.78 -31.76 25.19
CA VAL A 367 -17.09 -30.82 24.14
C VAL A 367 -16.15 -30.80 22.95
N HIS A 368 -16.60 -30.10 21.92
CA HIS A 368 -15.81 -29.87 20.74
C HIS A 368 -16.55 -28.88 19.87
N MET A 369 -15.80 -28.19 19.02
CA MET A 369 -16.31 -27.18 18.13
C MET A 369 -17.52 -27.67 17.36
N LEU A 370 -18.44 -26.75 17.12
CA LEU A 370 -19.68 -27.04 16.40
C LEU A 370 -19.36 -27.57 14.99
N GLN A 371 -18.44 -26.90 14.31
CA GLN A 371 -18.00 -27.30 12.98
C GLN A 371 -16.54 -26.88 12.83
N ASP A 372 -15.88 -27.27 11.74
CA ASP A 372 -14.48 -26.93 11.56
C ASP A 372 -14.19 -25.67 10.75
N GLY A 373 -15.17 -25.14 10.04
CA GLY A 373 -14.94 -23.93 9.27
C GLY A 373 -15.68 -22.71 9.76
N ILE A 374 -16.04 -22.69 11.04
CA ILE A 374 -16.79 -21.58 11.61
C ILE A 374 -15.99 -20.54 12.38
N ALA A 375 -14.79 -20.90 12.79
CA ALA A 375 -13.96 -20.00 13.60
C ALA A 375 -12.47 -19.98 13.24
N ARG A 376 -11.78 -18.92 13.65
CA ARG A 376 -10.35 -18.81 13.38
C ARG A 376 -9.73 -17.92 14.44
N LEU A 377 -8.58 -18.34 14.95
CA LEU A 377 -7.91 -17.57 15.99
C LEU A 377 -6.81 -16.74 15.36
N VAL A 378 -6.89 -15.42 15.51
CA VAL A 378 -5.88 -14.57 14.90
C VAL A 378 -5.45 -13.46 15.85
N GLY A 379 -4.15 -13.17 15.82
CA GLY A 379 -3.61 -12.13 16.68
C GLY A 379 -3.41 -10.83 15.94
N GLU A 380 -4.17 -9.81 16.31
CA GLU A 380 -4.06 -8.51 15.66
C GLU A 380 -3.67 -7.46 16.71
N GLY A 381 -2.39 -7.07 16.69
CA GLY A 381 -1.90 -6.10 17.65
C GLY A 381 -1.24 -6.86 18.77
N GLY A 382 -1.76 -6.72 19.98
CA GLY A 382 -1.16 -7.41 21.11
C GLY A 382 -2.09 -8.39 21.80
N HIS A 383 -3.28 -8.57 21.23
CA HIS A 383 -4.26 -9.49 21.81
C HIS A 383 -4.74 -10.54 20.83
N LEU A 384 -5.42 -11.55 21.37
CA LEU A 384 -5.95 -12.64 20.56
C LEU A 384 -7.46 -12.53 20.33
N PHE A 385 -7.91 -12.93 19.17
CA PHE A 385 -9.33 -12.85 18.87
C PHE A 385 -9.84 -14.08 18.12
N LEU A 386 -11.03 -14.53 18.46
CA LEU A 386 -11.62 -15.66 17.77
C LEU A 386 -12.71 -15.12 16.85
N TYR A 387 -12.46 -15.15 15.54
CA TYR A 387 -13.44 -14.69 14.56
C TYR A 387 -14.30 -15.91 14.20
N TYR A 388 -15.63 -15.70 14.13
CA TYR A 388 -16.54 -16.78 13.80
C TYR A 388 -17.56 -16.37 12.74
N THR A 389 -18.27 -17.35 12.18
CA THR A 389 -19.24 -17.12 11.11
C THR A 389 -20.71 -17.31 11.50
N VAL A 390 -20.95 -17.90 12.67
CA VAL A 390 -22.31 -18.22 13.12
C VAL A 390 -23.30 -17.06 13.09
N GLU A 391 -22.81 -15.84 13.31
CA GLU A 391 -23.69 -14.68 13.28
C GLU A 391 -23.68 -13.93 11.92
N ASN A 392 -23.14 -14.54 10.87
CA ASN A 392 -23.14 -13.85 9.57
C ASN A 392 -24.51 -13.96 8.89
N SER A 393 -24.78 -13.02 7.99
CA SER A 393 -26.03 -12.99 7.24
C SER A 393 -25.83 -13.78 5.94
N ARG A 394 -26.91 -14.29 5.38
CA ARG A 394 -26.82 -15.03 4.12
C ARG A 394 -26.55 -14.04 2.99
N VAL A 395 -26.70 -12.76 3.33
CA VAL A 395 -26.45 -11.65 2.43
C VAL A 395 -25.00 -11.26 2.67
N TYR A 396 -24.21 -11.22 1.60
CA TYR A 396 -22.79 -10.87 1.68
C TYR A 396 -22.47 -9.62 2.50
N HIS A 397 -21.55 -9.78 3.44
CA HIS A 397 -21.11 -8.68 4.30
C HIS A 397 -22.19 -7.80 4.89
N LEU A 398 -23.42 -8.32 5.00
CA LEU A 398 -24.50 -7.53 5.57
C LEU A 398 -24.13 -7.18 7.00
N GLU A 399 -23.61 -8.17 7.73
CA GLU A 399 -23.19 -7.94 9.11
C GLU A 399 -21.69 -7.61 9.12
N GLU A 400 -21.20 -7.13 10.25
CA GLU A 400 -19.78 -6.78 10.39
C GLU A 400 -18.97 -7.95 10.96
N PRO A 401 -17.64 -7.93 10.76
CA PRO A 401 -16.75 -9.00 11.25
C PRO A 401 -16.97 -9.26 12.73
N LYS A 402 -17.44 -10.46 13.07
CA LYS A 402 -17.72 -10.81 14.46
C LYS A 402 -16.59 -11.59 15.10
N CYS A 403 -16.24 -11.22 16.33
CA CYS A 403 -15.19 -11.92 17.06
C CYS A 403 -15.35 -11.74 18.57
N LEU A 404 -14.55 -12.49 19.33
CA LEU A 404 -14.55 -12.37 20.78
C LEU A 404 -13.10 -12.53 21.20
N GLU A 405 -12.69 -11.71 22.16
CA GLU A 405 -11.32 -11.74 22.61
C GLU A 405 -11.01 -12.96 23.45
N ILE A 406 -9.84 -13.54 23.20
CA ILE A 406 -9.39 -14.72 23.93
C ILE A 406 -8.22 -14.31 24.80
N TYR A 407 -8.30 -14.61 26.09
CA TYR A 407 -7.23 -14.27 27.01
C TYR A 407 -6.13 -15.34 26.95
N PRO A 408 -4.87 -14.93 27.17
CA PRO A 408 -3.72 -15.83 27.14
C PRO A 408 -3.88 -17.11 27.96
N GLN A 409 -4.66 -17.03 29.04
CA GLN A 409 -4.89 -18.17 29.91
C GLN A 409 -5.79 -19.22 29.24
N GLN A 410 -6.33 -18.85 28.08
CA GLN A 410 -7.21 -19.74 27.36
C GLN A 410 -6.71 -20.04 25.94
N ALA A 411 -5.73 -19.28 25.48
CA ALA A 411 -5.18 -19.45 24.14
C ALA A 411 -4.84 -20.90 23.83
N ASP A 412 -4.16 -21.55 24.75
CA ASP A 412 -3.79 -22.94 24.57
C ASP A 412 -5.03 -23.81 24.41
N ALA A 413 -5.99 -23.68 25.30
CA ALA A 413 -7.21 -24.47 25.22
C ALA A 413 -7.97 -24.13 23.95
N MET A 414 -8.02 -22.85 23.59
CA MET A 414 -8.72 -22.42 22.39
C MET A 414 -8.09 -23.06 21.16
N GLU A 415 -6.75 -23.13 21.15
CA GLU A 415 -6.04 -23.74 20.03
C GLU A 415 -6.37 -25.22 19.93
N LEU A 416 -6.26 -25.92 21.05
CA LEU A 416 -6.53 -27.35 21.09
C LEU A 416 -7.88 -27.66 20.45
N LEU A 417 -8.94 -27.03 20.96
CA LEU A 417 -10.29 -27.22 20.44
C LEU A 417 -10.36 -27.03 18.92
N LEU A 418 -9.73 -25.96 18.44
CA LEU A 418 -9.72 -25.65 17.01
C LEU A 418 -9.04 -26.74 16.17
N GLY A 419 -8.04 -27.41 16.74
CA GLY A 419 -7.33 -28.45 16.03
C GLY A 419 -7.81 -29.88 16.32
N SER A 420 -8.30 -30.13 17.52
CA SER A 420 -8.75 -31.48 17.90
C SER A 420 -10.09 -31.92 17.31
N TYR A 421 -10.72 -31.07 16.50
CA TYR A 421 -12.00 -31.42 15.90
C TYR A 421 -11.83 -32.62 14.95
N PRO A 422 -12.81 -33.55 14.95
CA PRO A 422 -14.03 -33.58 15.75
C PRO A 422 -13.96 -34.46 17.00
N GLU A 423 -12.81 -34.52 17.66
CA GLU A 423 -12.67 -35.33 18.86
C GLU A 423 -13.13 -34.60 20.11
N PHE A 424 -14.12 -35.17 20.79
CA PHE A 424 -14.64 -34.56 22.01
C PHE A 424 -13.57 -34.49 23.08
N VAL A 425 -13.55 -33.38 23.83
CA VAL A 425 -12.61 -33.22 24.93
C VAL A 425 -13.35 -32.79 26.19
N ARG A 426 -12.99 -33.42 27.30
CA ARG A 426 -13.57 -33.14 28.61
C ARG A 426 -13.10 -31.75 29.06
N VAL A 427 -14.04 -30.84 29.32
CA VAL A 427 -13.70 -29.48 29.73
C VAL A 427 -12.67 -29.46 30.88
N GLY A 428 -12.77 -30.43 31.77
CA GLY A 428 -11.85 -30.52 32.89
C GLY A 428 -10.43 -30.89 32.46
N ASP A 429 -10.26 -31.14 31.16
CA ASP A 429 -8.97 -31.51 30.60
C ASP A 429 -8.37 -30.45 29.66
N LEU A 430 -8.83 -29.21 29.79
CA LEU A 430 -8.29 -28.13 28.96
C LEU A 430 -6.97 -27.63 29.56
N PRO A 431 -6.02 -27.21 28.71
CA PRO A 431 -4.69 -26.68 29.03
C PRO A 431 -4.61 -25.45 29.96
N CYS A 432 -5.75 -24.85 30.24
CA CYS A 432 -5.82 -23.66 31.09
C CYS A 432 -5.26 -23.88 32.49
N ASP A 433 -4.80 -22.81 33.12
CA ASP A 433 -4.21 -22.88 34.46
C ASP A 433 -5.14 -23.34 35.60
N SER A 434 -6.32 -22.72 35.69
CA SER A 434 -7.28 -23.06 36.72
C SER A 434 -8.56 -23.69 36.17
N VAL A 435 -9.45 -24.09 37.07
CA VAL A 435 -10.74 -24.71 36.73
C VAL A 435 -11.71 -23.67 36.19
N GLU A 436 -11.70 -22.49 36.79
CA GLU A 436 -12.57 -21.40 36.38
C GLU A 436 -12.32 -21.00 34.93
N ASP A 437 -11.06 -21.09 34.50
CA ASP A 437 -10.68 -20.72 33.14
C ASP A 437 -11.13 -21.74 32.10
N GLN A 438 -11.27 -22.98 32.53
CA GLN A 438 -11.71 -24.05 31.63
C GLN A 438 -13.23 -23.94 31.45
N LEU A 439 -13.93 -23.64 32.53
CA LEU A 439 -15.38 -23.51 32.51
C LEU A 439 -15.80 -22.20 31.84
N SER A 440 -15.05 -21.13 32.08
CA SER A 440 -15.40 -19.84 31.49
C SER A 440 -15.32 -19.89 29.95
N LEU A 441 -14.21 -20.42 29.43
CA LEU A 441 -14.02 -20.55 28.00
C LEU A 441 -15.12 -21.38 27.37
N ALA A 442 -15.30 -22.58 27.92
CA ALA A 442 -16.30 -23.52 27.45
C ALA A 442 -17.68 -22.87 27.45
N THR A 443 -18.04 -22.27 28.58
CA THR A 443 -19.32 -21.60 28.73
C THR A 443 -19.44 -20.46 27.71
N THR A 444 -18.40 -19.62 27.62
CA THR A 444 -18.43 -18.53 26.68
C THR A 444 -18.60 -19.01 25.25
N LEU A 445 -17.80 -19.97 24.84
CA LEU A 445 -17.89 -20.52 23.48
C LEU A 445 -19.25 -21.14 23.23
N TYR A 446 -19.70 -21.97 24.15
CA TYR A 446 -20.98 -22.64 24.02
C TYR A 446 -22.14 -21.68 23.87
N ASP A 447 -22.17 -20.65 24.71
CA ASP A 447 -23.24 -19.69 24.66
C ASP A 447 -23.22 -18.91 23.35
N LYS A 448 -22.06 -18.86 22.70
CA LYS A 448 -21.94 -18.16 21.42
C LYS A 448 -22.37 -19.04 20.25
N GLY A 449 -22.70 -20.30 20.53
CA GLY A 449 -23.12 -21.20 19.48
C GLY A 449 -21.92 -21.62 18.65
N LEU A 450 -20.79 -21.82 19.32
CA LEU A 450 -19.56 -22.22 18.64
C LEU A 450 -19.09 -23.59 19.14
N LEU A 451 -19.76 -24.12 20.14
CA LEU A 451 -19.33 -25.38 20.71
C LEU A 451 -20.49 -26.36 20.88
N LEU A 452 -20.21 -27.65 20.92
CA LEU A 452 -21.27 -28.61 21.13
C LEU A 452 -20.82 -29.65 22.14
N THR A 453 -21.78 -30.32 22.77
CA THR A 453 -21.45 -31.31 23.78
C THR A 453 -21.88 -32.70 23.32
N LYS A 454 -21.24 -33.74 23.88
CA LYS A 454 -21.57 -35.11 23.50
C LYS A 454 -22.98 -35.46 23.96
N MET A 455 -23.36 -34.97 25.14
CA MET A 455 -24.69 -35.24 25.66
C MET A 455 -25.35 -33.89 25.86
N PRO A 456 -26.69 -33.83 25.66
CA PRO A 456 -27.44 -32.58 25.82
C PRO A 456 -27.30 -32.06 27.24
N LEU A 457 -27.13 -30.76 27.40
CA LEU A 457 -26.98 -30.18 28.73
C LEU A 457 -28.25 -30.39 29.54
N ALA A 458 -28.07 -30.81 30.79
CA ALA A 458 -29.20 -31.04 31.68
C ALA A 458 -28.97 -30.34 33.01
N LEU A 459 -30.08 -29.94 33.64
CA LEU A 459 -30.04 -29.27 34.94
C LEU A 459 -30.58 -30.19 36.02
N MET B 1 36.64 40.11 3.33
CA MET B 1 35.37 39.63 3.92
C MET B 1 35.58 38.28 4.60
N SER B 2 34.51 37.67 5.09
CA SER B 2 34.60 36.38 5.77
C SER B 2 34.64 35.22 4.78
N PRO B 3 35.16 34.05 5.21
CA PRO B 3 35.25 32.87 4.36
C PRO B 3 33.90 32.53 3.70
N LEU B 4 32.81 32.68 4.46
CA LEU B 4 31.49 32.40 3.91
C LEU B 4 31.14 33.39 2.80
N ARG B 5 31.39 34.67 3.02
CA ARG B 5 31.09 35.66 2.00
C ARG B 5 32.05 35.53 0.81
N ARG B 6 33.24 35.01 1.06
CA ARG B 6 34.20 34.85 -0.04
C ARG B 6 33.79 33.68 -0.95
N VAL B 7 33.31 32.60 -0.36
CA VAL B 7 32.90 31.44 -1.12
C VAL B 7 31.57 31.74 -1.81
N LEU B 8 30.69 32.46 -1.12
CA LEU B 8 29.41 32.81 -1.72
C LEU B 8 29.69 33.64 -2.96
N ALA B 9 30.64 34.57 -2.85
CA ALA B 9 30.99 35.43 -3.97
C ALA B 9 31.47 34.57 -5.13
N GLU B 10 32.25 33.55 -4.81
CA GLU B 10 32.79 32.65 -5.83
C GLU B 10 31.68 31.91 -6.58
N LEU B 11 30.69 31.39 -5.84
CA LEU B 11 29.58 30.66 -6.43
C LEU B 11 28.90 31.46 -7.54
N ASN B 12 28.80 32.76 -7.34
CA ASN B 12 28.16 33.60 -8.33
CA ASN B 12 28.14 33.59 -8.32
C ASN B 12 28.91 33.54 -9.64
N ARG B 13 30.22 33.28 -9.48
CA ARG B 13 31.13 33.30 -10.60
C ARG B 13 31.31 31.91 -11.22
N ILE B 14 30.40 30.99 -10.92
CA ILE B 14 30.50 29.65 -11.49
C ILE B 14 29.25 29.39 -12.32
N PRO B 15 29.42 28.91 -13.55
CA PRO B 15 28.31 28.62 -14.47
C PRO B 15 27.37 27.52 -13.98
N SER B 16 27.88 26.30 -13.91
CA SER B 16 27.10 25.14 -13.49
C SER B 16 26.65 25.14 -12.04
N SER B 17 25.36 24.92 -11.84
CA SER B 17 24.78 24.87 -10.51
C SER B 17 25.23 23.59 -9.82
N ARG B 18 25.61 22.59 -10.64
CA ARG B 18 26.08 21.32 -10.12
C ARG B 18 27.45 21.53 -9.48
N ARG B 19 28.31 22.24 -10.21
CA ARG B 19 29.63 22.61 -9.70
CA ARG B 19 29.63 22.65 -9.72
C ARG B 19 29.47 23.51 -8.48
N ARG B 20 28.49 24.42 -8.54
CA ARG B 20 28.25 25.36 -7.44
C ARG B 20 27.99 24.60 -6.13
N ALA B 21 27.09 23.62 -6.18
CA ALA B 21 26.73 22.81 -5.02
C ALA B 21 27.92 22.00 -4.55
N ALA B 22 28.69 21.48 -5.50
CA ALA B 22 29.86 20.68 -5.15
C ALA B 22 30.92 21.56 -4.50
N ARG B 23 31.02 22.79 -4.97
CA ARG B 23 31.99 23.74 -4.44
C ARG B 23 31.61 24.18 -3.03
N LEU B 24 30.31 24.37 -2.79
CA LEU B 24 29.88 24.80 -1.46
C LEU B 24 30.12 23.69 -0.45
N PHE B 25 29.77 22.45 -0.81
CA PHE B 25 29.98 21.35 0.13
C PHE B 25 31.48 21.21 0.45
N GLU B 26 32.32 21.45 -0.55
CA GLU B 26 33.74 21.32 -0.30
CA GLU B 26 33.75 21.30 -0.26
C GLU B 26 34.25 22.30 0.74
N TRP B 27 33.68 23.50 0.64
CA TRP B 27 33.91 24.58 1.61
C TRP B 27 33.38 24.21 3.02
N LEU B 28 32.18 23.64 3.06
CA LEU B 28 31.56 23.24 4.32
C LEU B 28 32.41 22.30 5.15
N ILE B 29 33.02 21.29 4.53
CA ILE B 29 33.83 20.34 5.28
C ILE B 29 35.35 20.53 5.19
N ALA B 30 35.78 21.59 4.53
CA ALA B 30 37.20 21.90 4.36
C ALA B 30 37.93 21.87 5.72
N PRO B 31 39.19 21.40 5.72
CA PRO B 31 39.98 20.94 4.58
C PRO B 31 39.79 19.49 4.09
N MET B 32 38.90 18.73 4.70
CA MET B 32 38.77 17.37 4.24
C MET B 32 38.00 17.22 2.93
N PRO B 33 38.52 16.40 2.01
CA PRO B 33 37.90 16.19 0.69
C PRO B 33 36.53 15.50 0.70
N PRO B 34 35.59 16.02 -0.09
CA PRO B 34 34.24 15.44 -0.16
C PRO B 34 34.28 13.96 -0.56
N ASP B 35 35.20 13.61 -1.45
CA ASP B 35 35.32 12.23 -1.92
C ASP B 35 35.68 11.25 -0.80
N HIS B 36 36.56 11.65 0.11
CA HIS B 36 36.93 10.85 1.27
C HIS B 36 35.74 10.76 2.23
N PHE B 37 35.13 11.91 2.51
CA PHE B 37 34.00 12.00 3.39
C PHE B 37 32.81 11.11 2.97
N TYR B 38 32.52 11.07 1.68
CA TYR B 38 31.40 10.29 1.16
C TYR B 38 31.66 8.79 1.06
N ARG B 39 32.89 8.40 0.78
CA ARG B 39 33.17 6.99 0.66
C ARG B 39 33.59 6.36 1.98
N ARG B 40 33.88 7.18 2.99
CA ARG B 40 34.34 6.62 4.25
C ARG B 40 33.64 7.09 5.52
N LEU B 41 33.14 8.32 5.51
CA LEU B 41 32.51 8.91 6.69
C LEU B 41 30.99 9.00 6.68
N TRP B 42 30.45 9.45 5.55
CA TRP B 42 29.01 9.57 5.35
C TRP B 42 28.30 8.31 5.84
N GLU B 43 27.40 8.45 6.82
CA GLU B 43 26.64 7.32 7.35
C GLU B 43 27.41 6.22 8.08
N ARG B 44 28.71 6.41 8.29
CA ARG B 44 29.53 5.40 8.96
C ARG B 44 30.20 5.84 10.25
N GLU B 45 30.60 7.11 10.30
CA GLU B 45 31.36 7.61 11.45
C GLU B 45 30.99 9.04 11.83
N ALA B 46 31.17 9.39 13.10
CA ALA B 46 30.97 10.75 13.54
C ALA B 46 32.21 11.51 13.07
N VAL B 47 32.05 12.76 12.65
CA VAL B 47 33.17 13.54 12.16
C VAL B 47 33.25 14.94 12.76
N LEU B 48 34.42 15.26 13.28
CA LEU B 48 34.65 16.58 13.87
C LEU B 48 35.67 17.34 13.03
N VAL B 49 35.33 18.53 12.59
CA VAL B 49 36.27 19.34 11.82
C VAL B 49 36.61 20.60 12.62
N ARG B 50 37.82 20.65 13.18
CA ARG B 50 38.24 21.82 13.96
C ARG B 50 38.77 22.83 12.94
N ARG B 51 37.95 23.83 12.63
CA ARG B 51 38.30 24.85 11.64
C ARG B 51 39.47 25.77 11.98
N GLN B 52 39.55 26.17 13.24
CA GLN B 52 40.59 27.08 13.71
C GLN B 52 40.48 28.39 12.94
N ASP B 53 39.26 28.89 12.83
CA ASP B 53 38.95 30.15 12.16
C ASP B 53 37.54 30.51 12.58
N HIS B 54 37.42 31.26 13.67
CA HIS B 54 36.12 31.64 14.21
C HIS B 54 35.21 32.43 13.29
N THR B 55 35.77 32.99 12.22
CA THR B 55 35.00 33.80 11.28
C THR B 55 34.45 32.99 10.09
N TYR B 56 34.74 31.69 10.07
CA TYR B 56 34.33 30.84 8.96
C TYR B 56 32.89 31.00 8.48
N TYR B 57 31.93 30.96 9.41
CA TYR B 57 30.52 31.09 9.07
C TYR B 57 29.95 32.50 9.17
N GLN B 58 30.78 33.51 9.37
CA GLN B 58 30.23 34.87 9.48
C GLN B 58 29.37 35.27 8.30
N GLY B 59 28.15 35.70 8.60
CA GLY B 59 27.23 36.12 7.56
C GLY B 59 26.13 35.10 7.35
N LEU B 60 26.24 33.96 8.03
CA LEU B 60 25.25 32.89 7.92
C LEU B 60 24.04 33.13 8.83
N PHE B 61 24.30 33.32 10.12
CA PHE B 61 23.20 33.54 11.05
C PHE B 61 23.80 33.99 12.38
N SER B 62 23.07 34.79 13.14
CA SER B 62 23.60 35.26 14.41
C SER B 62 22.45 35.38 15.40
N THR B 63 22.77 35.68 16.65
CA THR B 63 21.73 35.84 17.65
C THR B 63 20.96 37.11 17.35
N ALA B 64 21.62 38.03 16.65
CA ALA B 64 21.01 39.30 16.24
C ALA B 64 20.02 39.02 15.11
N ASP B 65 20.43 38.18 14.16
CA ASP B 65 19.53 37.82 13.07
C ASP B 65 18.25 37.22 13.67
N LEU B 66 18.38 36.47 14.76
CA LEU B 66 17.23 35.84 15.41
C LEU B 66 16.42 36.86 16.18
N ASP B 67 17.11 37.79 16.81
CA ASP B 67 16.46 38.82 17.57
C ASP B 67 15.54 39.61 16.64
N SER B 68 16.10 40.10 15.53
CA SER B 68 15.34 40.89 14.57
C SER B 68 14.27 40.05 13.87
N MET B 69 14.46 38.74 13.90
CA MET B 69 13.52 37.83 13.26
C MET B 69 12.26 37.68 14.11
N LEU B 70 12.47 37.46 15.41
CA LEU B 70 11.33 37.30 16.30
C LEU B 70 10.53 38.59 16.32
N ARG B 71 11.22 39.72 16.16
CA ARG B 71 10.56 41.02 16.20
C ARG B 71 9.87 41.44 14.90
N ASN B 72 10.51 41.18 13.76
CA ASN B 72 9.95 41.57 12.47
C ASN B 72 9.14 40.50 11.75
N GLU B 73 9.46 39.24 11.99
CA GLU B 73 8.73 38.14 11.34
C GLU B 73 7.68 37.60 12.31
N GLU B 74 6.73 36.85 11.78
CA GLU B 74 5.68 36.28 12.63
C GLU B 74 6.08 34.86 13.06
N VAL B 75 6.96 34.80 14.06
CA VAL B 75 7.42 33.52 14.58
C VAL B 75 6.44 33.05 15.64
N GLN B 76 5.96 31.82 15.48
CA GLN B 76 4.94 31.24 16.36
CA GLN B 76 4.93 31.21 16.33
C GLN B 76 5.59 30.14 17.19
N PHE B 77 5.21 30.13 18.46
CA PHE B 77 5.68 29.10 19.36
C PHE B 77 5.05 27.79 18.93
N GLY B 78 5.78 26.69 19.15
CA GLY B 78 5.30 25.36 18.81
C GLY B 78 5.38 25.04 17.34
N GLN B 79 5.34 26.07 16.52
CA GLN B 79 5.40 25.87 15.09
C GLN B 79 6.81 26.17 14.59
N HIS B 80 7.32 27.34 14.94
CA HIS B 80 8.65 27.78 14.51
C HIS B 80 9.67 27.82 15.63
N LEU B 81 9.23 28.17 16.82
CA LEU B 81 10.14 28.30 17.95
C LEU B 81 9.75 27.41 19.13
N ASP B 82 10.74 26.70 19.67
CA ASP B 82 10.49 25.85 20.82
C ASP B 82 11.45 26.14 21.96
N ALA B 83 10.91 26.34 23.15
CA ALA B 83 11.73 26.61 24.34
C ALA B 83 11.85 25.31 25.11
N ALA B 84 13.07 24.80 25.21
CA ALA B 84 13.26 23.53 25.91
C ALA B 84 14.23 23.63 27.07
N ARG B 85 13.98 22.81 28.09
CA ARG B 85 14.78 22.72 29.29
CA ARG B 85 14.77 22.72 29.30
C ARG B 85 15.10 21.25 29.56
N TYR B 86 16.29 20.98 30.09
CA TYR B 86 16.63 19.64 30.53
C TYR B 86 17.28 19.74 31.89
N ILE B 87 16.52 19.37 32.92
CA ILE B 87 16.99 19.42 34.31
C ILE B 87 16.72 18.12 35.05
N ASN B 88 17.72 17.65 35.81
CA ASN B 88 17.67 16.47 36.65
CA ASN B 88 17.61 16.49 36.66
C ASN B 88 17.18 15.26 35.88
N GLY B 89 17.67 15.10 34.65
CA GLY B 89 17.28 13.97 33.83
C GLY B 89 15.95 14.05 33.13
N ARG B 90 15.23 15.15 33.29
CA ARG B 90 13.93 15.29 32.63
C ARG B 90 13.87 16.43 31.62
N ARG B 91 13.33 16.12 30.44
CA ARG B 91 13.17 17.10 29.38
C ARG B 91 11.83 17.81 29.59
N GLU B 92 11.82 19.13 29.47
CA GLU B 92 10.58 19.86 29.61
C GLU B 92 10.49 20.93 28.52
N THR B 93 9.26 21.31 28.18
CA THR B 93 9.03 22.33 27.17
C THR B 93 8.08 23.37 27.72
N LEU B 94 8.55 24.62 27.80
CA LEU B 94 7.76 25.73 28.33
C LEU B 94 7.23 26.66 27.24
N ASN B 95 6.75 26.07 26.17
CA ASN B 95 6.19 26.82 25.03
C ASN B 95 4.91 27.57 25.33
N PRO B 96 4.96 28.91 25.30
CA PRO B 96 3.76 29.69 25.57
C PRO B 96 2.85 29.62 24.33
N PRO B 97 1.54 29.78 24.51
CA PRO B 97 0.62 29.72 23.37
C PRO B 97 0.61 31.02 22.57
N GLY B 98 1.12 30.98 21.34
CA GLY B 98 1.10 32.19 20.54
C GLY B 98 2.39 32.63 19.85
N ARG B 99 2.41 33.89 19.45
CA ARG B 99 3.55 34.51 18.78
CA ARG B 99 3.55 34.48 18.76
C ARG B 99 4.71 34.52 19.75
N ALA B 100 5.91 34.28 19.21
CA ALA B 100 7.12 34.34 20.00
C ALA B 100 7.72 35.73 19.95
N LEU B 101 7.19 36.62 20.79
CA LEU B 101 7.67 37.99 20.91
C LEU B 101 9.02 37.93 21.62
N PRO B 102 9.93 38.86 21.30
CA PRO B 102 11.25 38.90 21.93
C PRO B 102 11.20 38.92 23.46
N ALA B 103 10.21 39.63 23.99
CA ALA B 103 10.03 39.73 25.43
C ALA B 103 9.83 38.35 26.05
N ALA B 104 8.99 37.53 25.44
CA ALA B 104 8.73 36.20 25.96
C ALA B 104 9.91 35.27 25.72
N ALA B 105 10.40 35.22 24.49
CA ALA B 105 11.51 34.35 24.14
C ALA B 105 12.74 34.60 25.02
N TRP B 106 13.24 35.83 25.03
CA TRP B 106 14.40 36.14 25.84
C TRP B 106 14.14 35.89 27.31
N SER B 107 12.88 35.97 27.71
CA SER B 107 12.52 35.75 29.11
C SER B 107 12.75 34.29 29.46
N LEU B 108 12.34 33.42 28.55
CA LEU B 108 12.54 32.00 28.72
C LEU B 108 14.05 31.80 28.76
N TYR B 109 14.75 32.40 27.81
CA TYR B 109 16.20 32.27 27.75
C TYR B 109 16.84 32.59 29.10
N GLN B 110 16.42 33.69 29.71
CA GLN B 110 16.96 34.09 31.00
C GLN B 110 16.61 33.06 32.07
N ALA B 111 15.49 32.37 31.87
CA ALA B 111 15.03 31.36 32.83
C ALA B 111 15.82 30.06 32.69
N GLY B 112 16.75 30.03 31.76
CA GLY B 112 17.56 28.84 31.58
C GLY B 112 17.16 27.95 30.43
N CYS B 113 16.17 28.39 29.66
CA CYS B 113 15.68 27.61 28.53
C CYS B 113 16.49 27.80 27.24
N SER B 114 16.47 26.76 26.41
CA SER B 114 17.12 26.77 25.12
C SER B 114 16.03 27.10 24.08
N LEU B 115 16.42 27.78 23.01
CA LEU B 115 15.48 28.11 21.95
C LEU B 115 15.81 27.33 20.70
N ARG B 116 14.81 26.72 20.08
CA ARG B 116 15.02 25.97 18.85
C ARG B 116 14.12 26.59 17.80
N LEU B 117 14.73 27.10 16.75
CA LEU B 117 13.99 27.72 15.66
C LEU B 117 13.99 26.83 14.44
N CYS B 118 12.83 26.28 14.13
CA CYS B 118 12.67 25.40 12.99
C CYS B 118 12.72 26.12 11.65
N SER B 119 13.48 25.55 10.72
CA SER B 119 13.63 26.06 9.37
C SER B 119 13.87 27.55 9.24
N PRO B 120 15.04 28.02 9.68
CA PRO B 120 15.30 29.45 9.56
C PRO B 120 15.34 29.88 8.09
N GLN B 121 15.44 28.91 7.18
CA GLN B 121 15.49 29.25 5.76
C GLN B 121 14.22 29.96 5.31
N ALA B 122 13.15 29.77 6.06
CA ALA B 122 11.89 30.41 5.71
C ALA B 122 11.95 31.92 5.87
N PHE B 123 12.95 32.41 6.60
CA PHE B 123 13.10 33.85 6.82
C PHE B 123 14.46 34.39 6.39
N SER B 124 15.54 33.72 6.78
CA SER B 124 16.88 34.18 6.41
C SER B 124 17.18 33.87 4.95
N THR B 125 17.47 34.90 4.16
CA THR B 125 17.79 34.66 2.76
C THR B 125 19.15 33.97 2.63
N THR B 126 20.07 34.25 3.55
CA THR B 126 21.39 33.63 3.48
C THR B 126 21.33 32.13 3.81
N VAL B 127 20.49 31.75 4.76
CA VAL B 127 20.34 30.34 5.12
C VAL B 127 19.65 29.62 3.96
N TRP B 128 18.65 30.27 3.39
CA TRP B 128 17.93 29.69 2.26
C TRP B 128 18.90 29.37 1.12
N GLN B 129 19.68 30.36 0.69
CA GLN B 129 20.65 30.16 -0.38
C GLN B 129 21.63 29.03 -0.08
N PHE B 130 22.09 29.00 1.17
CA PHE B 130 23.05 28.00 1.62
C PHE B 130 22.43 26.60 1.41
N LEU B 131 21.24 26.41 1.98
CA LEU B 131 20.54 25.14 1.85
C LEU B 131 20.06 24.88 0.43
N ALA B 132 19.55 25.91 -0.25
CA ALA B 132 19.06 25.75 -1.61
C ALA B 132 20.15 25.22 -2.54
N VAL B 133 21.40 25.57 -2.23
CA VAL B 133 22.53 25.10 -3.03
C VAL B 133 22.96 23.70 -2.62
N LEU B 134 23.06 23.45 -1.32
CA LEU B 134 23.48 22.14 -0.84
C LEU B 134 22.55 20.98 -1.16
N GLN B 135 21.24 21.24 -1.27
CA GLN B 135 20.28 20.19 -1.58
C GLN B 135 20.63 19.52 -2.90
N GLU B 136 21.12 20.31 -3.84
CA GLU B 136 21.49 19.80 -5.17
C GLU B 136 22.55 18.71 -5.09
N GLN B 137 23.58 18.89 -4.27
CA GLN B 137 24.59 17.84 -4.19
C GLN B 137 24.19 16.71 -3.23
N PHE B 138 23.13 16.92 -2.45
CA PHE B 138 22.66 15.87 -1.55
C PHE B 138 21.62 15.00 -2.28
N GLY B 139 20.96 15.58 -3.28
CA GLY B 139 19.94 14.83 -3.99
C GLY B 139 18.79 14.59 -3.03
N SER B 140 18.81 15.32 -1.92
CA SER B 140 17.77 15.19 -0.90
C SER B 140 17.58 16.53 -0.23
N MET B 141 16.36 16.81 0.22
CA MET B 141 16.08 18.09 0.87
C MET B 141 17.06 18.41 2.01
N ALA B 142 17.50 19.66 2.07
CA ALA B 142 18.42 20.09 3.13
C ALA B 142 17.70 21.08 4.03
N GLY B 143 17.30 20.64 5.21
CA GLY B 143 16.63 21.55 6.11
C GLY B 143 17.62 22.01 7.16
N SER B 144 17.13 22.71 8.18
CA SER B 144 18.00 23.14 9.25
C SER B 144 17.19 23.63 10.43
N ASN B 145 17.83 23.61 11.60
CA ASN B 145 17.26 24.08 12.85
C ASN B 145 18.35 24.90 13.51
N VAL B 146 17.96 25.96 14.22
CA VAL B 146 18.92 26.78 14.91
C VAL B 146 18.69 26.54 16.39
N TYR B 147 19.77 26.35 17.14
CA TYR B 147 19.68 26.09 18.57
C TYR B 147 20.44 27.15 19.35
N LEU B 148 19.78 27.75 20.32
CA LEU B 148 20.41 28.78 21.13
C LEU B 148 20.35 28.38 22.58
N THR B 149 21.51 28.12 23.17
CA THR B 149 21.52 27.71 24.55
C THR B 149 22.22 28.66 25.51
N PRO B 150 21.56 28.99 26.64
CA PRO B 150 22.10 29.89 27.67
C PRO B 150 23.31 29.28 28.38
N PRO B 151 24.08 30.12 29.10
CA PRO B 151 25.26 29.64 29.83
C PRO B 151 24.90 28.65 30.94
N ASN B 152 25.84 27.75 31.24
CA ASN B 152 25.64 26.77 32.30
C ASN B 152 24.32 26.03 32.24
N SER B 153 24.02 25.41 31.11
CA SER B 153 22.76 24.69 31.00
C SER B 153 22.69 23.73 29.83
N GLN B 154 21.65 22.89 29.86
CA GLN B 154 21.38 21.93 28.80
C GLN B 154 19.88 21.99 28.53
N GLY B 155 19.52 22.25 27.28
CA GLY B 155 18.12 22.33 26.92
C GLY B 155 17.53 21.02 26.42
N PHE B 156 18.38 20.11 25.98
CA PHE B 156 17.85 18.85 25.46
C PHE B 156 18.45 17.62 26.12
N ALA B 157 17.63 16.57 26.16
CA ALA B 157 18.02 15.29 26.74
C ALA B 157 18.78 14.53 25.65
N PRO B 158 19.56 13.53 26.02
CA PRO B 158 20.27 12.78 24.98
C PRO B 158 19.22 12.08 24.09
N HIS B 159 19.49 11.99 22.79
CA HIS B 159 18.54 11.39 21.85
C HIS B 159 19.26 11.21 20.52
N TYR B 160 18.62 10.59 19.54
CA TYR B 160 19.22 10.53 18.22
C TYR B 160 18.13 10.99 17.28
N ASP B 161 18.54 11.48 16.12
CA ASP B 161 17.60 11.97 15.14
C ASP B 161 17.55 11.07 13.94
N ASP B 162 16.53 11.27 13.10
CA ASP B 162 16.30 10.48 11.88
C ASP B 162 16.96 11.04 10.61
N ILE B 163 17.94 11.93 10.76
CA ILE B 163 18.65 12.50 9.61
C ILE B 163 20.15 12.58 9.79
N GLU B 164 20.86 12.96 8.72
CA GLU B 164 22.31 13.13 8.77
C GLU B 164 22.50 14.56 9.24
N ALA B 165 23.15 14.73 10.39
CA ALA B 165 23.34 16.05 10.98
C ALA B 165 24.71 16.67 10.87
N PHE B 166 24.72 17.93 10.44
CA PHE B 166 25.93 18.72 10.32
C PHE B 166 25.72 19.88 11.28
N VAL B 167 26.46 19.88 12.38
CA VAL B 167 26.35 20.93 13.36
C VAL B 167 27.42 22.01 13.12
N LEU B 168 26.96 23.20 12.76
CA LEU B 168 27.87 24.33 12.52
C LEU B 168 27.80 25.24 13.74
N GLN B 169 28.92 25.37 14.44
CA GLN B 169 28.98 26.21 15.62
C GLN B 169 29.16 27.64 15.15
N LEU B 170 28.17 28.49 15.45
CA LEU B 170 28.21 29.90 15.02
C LEU B 170 28.65 30.93 16.07
N GLU B 171 28.36 30.67 17.35
CA GLU B 171 28.71 31.58 18.44
C GLU B 171 28.83 30.80 19.76
N GLY B 172 29.74 31.23 20.62
CA GLY B 172 29.92 30.57 21.89
C GLY B 172 30.62 29.25 21.74
N ARG B 173 30.65 28.48 22.83
CA ARG B 173 31.29 27.17 22.86
C ARG B 173 30.25 26.22 23.40
N LYS B 174 30.43 24.94 23.17
CA LYS B 174 29.50 23.97 23.69
C LYS B 174 30.17 22.62 23.77
N LEU B 175 29.95 21.94 24.89
CA LEU B 175 30.52 20.61 25.13
C LEU B 175 29.57 19.57 24.55
N TRP B 176 30.04 18.87 23.54
CA TRP B 176 29.26 17.88 22.81
C TRP B 176 29.67 16.48 23.16
N ARG B 177 28.74 15.55 23.04
CA ARG B 177 29.03 14.14 23.27
C ARG B 177 28.24 13.36 22.25
N VAL B 178 28.94 12.61 21.42
CA VAL B 178 28.31 11.80 20.39
C VAL B 178 28.63 10.34 20.71
N TYR B 179 27.60 9.50 20.64
CA TYR B 179 27.69 8.07 20.94
C TYR B 179 27.42 7.25 19.69
N ARG B 180 28.13 6.13 19.56
CA ARG B 180 27.83 5.24 18.45
C ARG B 180 26.50 4.55 18.67
N PRO B 181 25.84 4.11 17.60
CA PRO B 181 24.58 3.40 17.78
C PRO B 181 24.69 2.35 18.90
N ARG B 182 23.68 2.28 19.76
CA ARG B 182 23.71 1.33 20.87
C ARG B 182 23.53 -0.11 20.43
N ALA B 183 22.52 -0.35 19.61
CA ALA B 183 22.22 -1.70 19.12
C ALA B 183 22.11 -1.68 17.60
N PRO B 184 22.17 -2.86 16.97
CA PRO B 184 22.07 -3.00 15.51
C PRO B 184 20.87 -2.27 14.92
N THR B 185 19.70 -2.45 15.54
CA THR B 185 18.47 -1.82 15.08
C THR B 185 18.51 -0.30 15.11
N GLU B 186 19.33 0.25 16.01
CA GLU B 186 19.45 1.70 16.12
C GLU B 186 20.40 2.30 15.07
N GLU B 187 21.20 1.47 14.43
CA GLU B 187 22.11 1.97 13.40
C GLU B 187 21.30 2.52 12.22
N LEU B 188 21.57 3.76 11.82
CA LEU B 188 20.85 4.40 10.71
C LEU B 188 19.33 4.22 10.88
N ALA B 189 18.86 4.57 12.08
CA ALA B 189 17.45 4.48 12.46
C ALA B 189 16.54 5.24 11.51
N LEU B 190 15.32 4.73 11.33
CA LEU B 190 14.33 5.33 10.46
C LEU B 190 13.60 6.49 11.11
N THR B 191 13.22 6.32 12.37
CA THR B 191 12.49 7.37 13.09
C THR B 191 13.32 7.91 14.26
N SER B 192 12.98 9.12 14.71
CA SER B 192 13.70 9.72 15.82
C SER B 192 13.39 8.97 17.10
N SER B 193 14.34 8.97 18.02
CA SER B 193 14.18 8.27 19.27
C SER B 193 13.51 9.17 20.30
N PRO B 194 13.11 8.57 21.44
CA PRO B 194 12.48 9.33 22.52
C PRO B 194 13.63 9.98 23.30
N ASN B 195 13.31 10.64 24.41
CA ASN B 195 14.33 11.27 25.22
C ASN B 195 14.92 10.21 26.17
N PHE B 196 16.22 10.00 26.06
CA PHE B 196 16.95 9.05 26.87
C PHE B 196 17.53 9.75 28.09
N SER B 197 18.11 8.94 28.97
CA SER B 197 18.75 9.41 30.19
C SER B 197 20.16 8.84 30.18
N GLN B 198 21.08 9.51 30.86
CA GLN B 198 22.47 9.07 30.94
C GLN B 198 22.62 7.57 31.19
N ASP B 199 21.69 7.01 31.96
CA ASP B 199 21.73 5.59 32.30
C ASP B 199 21.48 4.71 31.09
N ASP B 200 20.98 5.28 30.02
CA ASP B 200 20.71 4.52 28.81
C ASP B 200 21.89 4.59 27.83
N LEU B 201 22.93 5.34 28.18
CA LEU B 201 24.06 5.54 27.29
C LEU B 201 25.38 4.89 27.69
N GLY B 202 26.17 4.53 26.68
CA GLY B 202 27.48 3.94 26.94
C GLY B 202 28.50 5.05 27.01
N GLU B 203 29.73 4.76 26.60
CA GLU B 203 30.77 5.78 26.61
C GLU B 203 30.73 6.56 25.29
N PRO B 204 31.09 7.84 25.34
CA PRO B 204 31.07 8.68 24.14
C PRO B 204 32.18 8.28 23.16
N VAL B 205 31.87 8.25 21.88
CA VAL B 205 32.88 7.92 20.89
C VAL B 205 33.62 9.23 20.57
N LEU B 206 32.98 10.33 20.91
CA LEU B 206 33.52 11.65 20.66
C LEU B 206 32.94 12.67 21.64
N GLN B 207 33.81 13.25 22.46
CA GLN B 207 33.39 14.25 23.44
C GLN B 207 34.29 15.45 23.25
N THR B 208 33.70 16.61 22.96
CA THR B 208 34.49 17.79 22.73
C THR B 208 33.73 19.10 22.77
N VAL B 209 34.47 20.17 23.07
CA VAL B 209 33.92 21.51 23.12
C VAL B 209 34.08 22.08 21.71
N LEU B 210 32.96 22.47 21.11
CA LEU B 210 32.95 23.06 19.78
C LEU B 210 33.18 24.55 19.91
N GLU B 211 33.91 25.12 18.95
CA GLU B 211 34.18 26.57 18.93
C GLU B 211 33.68 27.11 17.60
N PRO B 212 33.27 28.39 17.57
CA PRO B 212 32.77 28.98 16.33
C PRO B 212 33.60 28.61 15.11
N GLY B 213 32.93 28.14 14.07
CA GLY B 213 33.58 27.74 12.84
C GLY B 213 33.71 26.23 12.68
N ASP B 214 33.67 25.50 13.79
CA ASP B 214 33.81 24.05 13.69
C ASP B 214 32.58 23.40 13.08
N LEU B 215 32.77 22.18 12.61
CA LEU B 215 31.73 21.39 12.00
C LEU B 215 31.76 20.04 12.68
N LEU B 216 30.59 19.55 13.07
CA LEU B 216 30.48 18.25 13.70
C LEU B 216 29.41 17.48 12.96
N TYR B 217 29.81 16.39 12.33
CA TYR B 217 28.88 15.55 11.61
C TYR B 217 28.71 14.20 12.29
N PHE B 218 27.48 13.71 12.26
CA PHE B 218 27.18 12.37 12.77
C PHE B 218 25.95 11.84 12.07
N PRO B 219 25.93 10.53 11.83
CA PRO B 219 24.80 9.88 11.14
C PRO B 219 23.56 9.71 12.02
N ARG B 220 22.44 9.44 11.36
CA ARG B 220 21.19 9.22 12.05
C ARG B 220 21.38 7.96 12.89
N GLY B 221 20.89 7.97 14.11
CA GLY B 221 21.06 6.81 14.96
C GLY B 221 22.15 7.02 16.00
N PHE B 222 23.02 8.00 15.79
CA PHE B 222 24.08 8.32 16.76
C PHE B 222 23.46 9.17 17.84
N ILE B 223 23.48 8.70 19.08
CA ILE B 223 22.92 9.46 20.18
C ILE B 223 23.84 10.65 20.47
N HIS B 224 23.25 11.80 20.78
CA HIS B 224 24.06 12.98 21.08
C HIS B 224 23.36 13.90 22.04
N GLN B 225 24.17 14.64 22.79
CA GLN B 225 23.68 15.62 23.75
C GLN B 225 24.71 16.74 23.90
N ALA B 226 24.25 17.95 24.20
CA ALA B 226 25.16 19.07 24.34
C ALA B 226 24.77 19.99 25.48
N GLU B 227 25.77 20.64 26.10
CA GLU B 227 25.53 21.54 27.21
C GLU B 227 26.54 22.68 27.28
N CYS B 228 26.11 23.80 27.85
CA CYS B 228 26.99 24.94 28.02
C CYS B 228 27.54 24.96 29.42
N GLN B 229 28.68 25.60 29.59
CA GLN B 229 29.28 25.72 30.92
C GLN B 229 30.19 26.92 30.98
N ASP B 230 30.67 27.23 32.16
CA ASP B 230 31.68 28.26 32.28
C ASP B 230 31.18 29.59 31.75
N GLY B 231 29.91 29.86 31.98
CA GLY B 231 29.34 31.17 31.72
C GLY B 231 29.35 31.69 30.30
N VAL B 232 29.26 30.82 29.32
CA VAL B 232 29.14 31.29 27.94
C VAL B 232 28.02 30.53 27.20
N HIS B 233 27.27 31.25 26.35
CA HIS B 233 26.16 30.66 25.60
C HIS B 233 26.65 29.92 24.36
N SER B 234 25.71 29.43 23.57
CA SER B 234 26.04 28.74 22.34
C SER B 234 24.96 28.88 21.29
N LEU B 235 25.38 29.07 20.05
CA LEU B 235 24.44 29.17 18.95
C LEU B 235 24.96 28.30 17.83
N HIS B 236 24.09 27.43 17.32
CA HIS B 236 24.52 26.60 16.22
C HIS B 236 23.38 26.29 15.27
N LEU B 237 23.74 26.00 14.03
CA LEU B 237 22.73 25.68 13.06
C LEU B 237 23.00 24.25 12.64
N THR B 238 21.97 23.41 12.76
CA THR B 238 22.08 22.00 12.41
C THR B 238 21.43 21.77 11.05
N LEU B 239 22.28 21.41 10.11
CA LEU B 239 21.89 21.12 8.74
C LEU B 239 21.59 19.61 8.66
N SER B 240 20.35 19.29 8.30
CA SER B 240 19.94 17.92 8.21
C SER B 240 19.55 17.57 6.80
N THR B 241 19.69 16.29 6.46
CA THR B 241 19.32 15.82 5.15
C THR B 241 19.14 14.31 5.22
N TYR B 242 18.70 13.72 4.13
CA TYR B 242 18.49 12.29 4.06
C TYR B 242 17.49 11.70 5.01
N GLN B 243 16.31 12.29 5.02
CA GLN B 243 15.23 11.79 5.86
C GLN B 243 14.42 10.80 5.00
N ARG B 244 14.42 9.55 5.44
CA ARG B 244 13.70 8.48 4.78
C ARG B 244 14.00 8.38 3.30
N ASN B 245 15.29 8.36 2.97
CA ASN B 245 15.76 8.27 1.59
C ASN B 245 16.67 7.05 1.52
N THR B 246 16.16 5.93 2.05
CA THR B 246 16.88 4.66 2.09
C THR B 246 16.38 3.69 1.03
N TRP B 247 17.04 2.55 0.95
CA TRP B 247 16.67 1.49 0.05
C TRP B 247 15.32 0.96 0.36
N GLY B 248 15.01 0.91 1.64
CA GLY B 248 13.73 0.41 2.10
C GLY B 248 12.60 1.29 1.55
N ASP B 249 12.72 2.61 1.67
CA ASP B 249 11.66 3.50 1.19
C ASP B 249 11.45 3.37 -0.32
N PHE B 250 12.53 3.02 -1.02
CA PHE B 250 12.48 2.83 -2.47
C PHE B 250 11.77 1.51 -2.77
N LEU B 251 12.12 0.46 -2.02
CA LEU B 251 11.51 -0.84 -2.19
C LEU B 251 10.04 -0.76 -1.82
N GLU B 252 9.76 0.09 -0.84
CA GLU B 252 8.42 0.32 -0.35
C GLU B 252 7.52 0.76 -1.49
N ALA B 253 8.06 1.55 -2.40
CA ALA B 253 7.27 1.99 -3.54
C ALA B 253 7.30 0.95 -4.66
N ILE B 254 8.44 0.28 -4.82
CA ILE B 254 8.60 -0.73 -5.87
C ILE B 254 7.64 -1.90 -5.77
N LEU B 255 7.79 -2.69 -4.72
CA LEU B 255 6.99 -3.88 -4.51
C LEU B 255 5.53 -3.86 -5.00
N PRO B 256 4.73 -2.91 -4.48
CA PRO B 256 3.32 -2.84 -4.91
C PRO B 256 3.17 -2.90 -6.43
N LEU B 257 3.90 -2.04 -7.13
CA LEU B 257 3.86 -2.00 -8.59
C LEU B 257 4.44 -3.26 -9.21
N ALA B 258 5.49 -3.80 -8.60
CA ALA B 258 6.13 -5.00 -9.12
C ALA B 258 5.19 -6.19 -9.07
N VAL B 259 4.47 -6.33 -7.96
CA VAL B 259 3.58 -7.47 -7.83
C VAL B 259 2.40 -7.30 -8.76
N GLN B 260 2.01 -6.06 -9.01
CA GLN B 260 0.88 -5.81 -9.89
C GLN B 260 1.33 -6.17 -11.32
N ALA B 261 2.54 -5.78 -11.67
CA ALA B 261 3.07 -6.09 -13.00
C ALA B 261 3.21 -7.60 -13.21
N ALA B 262 3.80 -8.27 -12.21
CA ALA B 262 4.03 -9.70 -12.25
C ALA B 262 2.74 -10.49 -12.45
N MET B 263 1.68 -10.01 -11.82
CA MET B 263 0.39 -10.66 -11.92
C MET B 263 -0.20 -10.47 -13.31
N GLU B 264 0.01 -9.29 -13.87
CA GLU B 264 -0.51 -8.99 -15.18
C GLU B 264 0.30 -9.64 -16.31
N GLU B 265 1.57 -9.96 -16.05
CA GLU B 265 2.43 -10.51 -17.09
C GLU B 265 2.86 -11.98 -16.93
N ASN B 266 2.57 -12.58 -15.79
CA ASN B 266 2.99 -13.95 -15.54
C ASN B 266 1.89 -14.72 -14.84
N VAL B 267 1.48 -15.83 -15.45
CA VAL B 267 0.41 -16.64 -14.92
C VAL B 267 0.74 -17.29 -13.57
N GLU B 268 2.01 -17.54 -13.29
CA GLU B 268 2.35 -18.14 -12.00
C GLU B 268 1.86 -17.28 -10.84
N PHE B 269 1.74 -15.98 -11.06
CA PHE B 269 1.28 -15.09 -9.98
C PHE B 269 -0.23 -15.02 -9.90
N ARG B 270 -0.88 -15.52 -10.95
CA ARG B 270 -2.33 -15.54 -11.02
C ARG B 270 -2.93 -16.89 -10.64
N ARG B 271 -2.10 -17.87 -10.31
CA ARG B 271 -2.64 -19.16 -9.94
C ARG B 271 -3.22 -19.08 -8.54
N GLY B 272 -4.27 -19.86 -8.32
CA GLY B 272 -4.92 -19.87 -7.03
C GLY B 272 -4.09 -20.54 -5.96
N LEU B 273 -4.31 -20.07 -4.74
CA LEU B 273 -3.65 -20.61 -3.57
C LEU B 273 -4.26 -21.98 -3.30
N PRO B 274 -3.65 -22.78 -2.42
CA PRO B 274 -4.16 -24.11 -2.06
C PRO B 274 -5.53 -23.97 -1.41
N ARG B 275 -6.44 -24.90 -1.66
CA ARG B 275 -7.77 -24.83 -1.06
C ARG B 275 -7.71 -24.97 0.45
N ASP B 276 -6.70 -25.67 0.93
CA ASP B 276 -6.60 -25.92 2.37
C ASP B 276 -5.35 -25.37 3.06
N PHE B 277 -4.69 -24.39 2.45
CA PHE B 277 -3.48 -23.84 3.08
C PHE B 277 -3.75 -23.29 4.48
N MET B 278 -5.00 -22.90 4.74
CA MET B 278 -5.34 -22.40 6.07
C MET B 278 -5.26 -23.51 7.13
N ASP B 279 -5.09 -24.76 6.69
CA ASP B 279 -4.98 -25.88 7.63
C ASP B 279 -3.58 -26.01 8.19
N TYR B 280 -2.58 -25.52 7.46
CA TYR B 280 -1.20 -25.61 7.89
C TYR B 280 -0.41 -24.30 7.94
N MET B 281 -1.05 -23.21 7.55
CA MET B 281 -0.43 -21.89 7.59
C MET B 281 -1.23 -21.04 8.58
N GLY B 282 -0.52 -20.27 9.39
CA GLY B 282 -1.20 -19.44 10.38
C GLY B 282 -0.39 -19.45 11.66
N ALA B 283 -0.68 -18.52 12.57
CA ALA B 283 0.06 -18.46 13.82
C ALA B 283 -0.08 -19.71 14.68
N GLN B 284 -1.26 -20.33 14.63
CA GLN B 284 -1.53 -21.53 15.43
C GLN B 284 -0.87 -22.78 14.85
N HIS B 285 -0.47 -22.71 13.58
CA HIS B 285 0.17 -23.84 12.92
C HIS B 285 1.66 -23.58 12.74
N SER B 286 2.18 -22.60 13.47
CA SER B 286 3.60 -22.27 13.39
C SER B 286 4.40 -23.49 13.83
N ASP B 287 4.00 -24.08 14.94
CA ASP B 287 4.66 -25.25 15.49
C ASP B 287 4.12 -26.50 14.80
N SER B 288 4.48 -26.66 13.52
CA SER B 288 4.04 -27.81 12.75
C SER B 288 5.20 -28.45 12.00
N LYS B 289 4.97 -29.67 11.52
CA LYS B 289 5.98 -30.42 10.79
C LYS B 289 5.53 -30.66 9.36
N ASP B 290 4.26 -30.41 9.09
CA ASP B 290 3.69 -30.61 7.77
C ASP B 290 4.57 -30.08 6.65
N PRO B 291 5.01 -30.96 5.74
CA PRO B 291 5.86 -30.57 4.62
C PRO B 291 5.21 -29.58 3.65
N ARG B 292 3.88 -29.52 3.66
CA ARG B 292 3.17 -28.59 2.78
C ARG B 292 3.49 -27.17 3.23
N ARG B 293 3.78 -27.03 4.52
CA ARG B 293 4.12 -25.74 5.08
C ARG B 293 5.47 -25.29 4.53
N THR B 294 6.45 -26.18 4.54
CA THR B 294 7.77 -25.83 4.02
C THR B 294 7.72 -25.57 2.52
N ALA B 295 6.77 -26.20 1.86
CA ALA B 295 6.61 -26.02 0.43
C ALA B 295 5.95 -24.67 0.18
N PHE B 296 5.06 -24.28 1.09
CA PHE B 296 4.38 -23.01 0.96
C PHE B 296 5.44 -21.91 1.11
N MET B 297 6.28 -22.05 2.14
CA MET B 297 7.34 -21.09 2.44
C MET B 297 8.33 -20.96 1.28
N GLU B 298 8.68 -22.08 0.68
CA GLU B 298 9.62 -22.12 -0.44
C GLU B 298 9.00 -21.46 -1.66
N LYS B 299 7.71 -21.69 -1.85
CA LYS B 299 6.98 -21.10 -2.96
C LYS B 299 6.97 -19.57 -2.80
N VAL B 300 6.71 -19.09 -1.58
CA VAL B 300 6.67 -17.65 -1.34
C VAL B 300 8.02 -17.00 -1.69
N ARG B 301 9.10 -17.56 -1.14
CA ARG B 301 10.45 -17.04 -1.41
C ARG B 301 10.73 -16.99 -2.91
N VAL B 302 10.49 -18.12 -3.58
CA VAL B 302 10.70 -18.19 -5.01
C VAL B 302 9.93 -17.07 -5.72
N LEU B 303 8.65 -16.94 -5.42
CA LEU B 303 7.87 -15.89 -6.08
C LEU B 303 8.44 -14.50 -5.76
N VAL B 304 8.77 -14.24 -4.49
CA VAL B 304 9.31 -12.95 -4.09
C VAL B 304 10.57 -12.58 -4.88
N ALA B 305 11.49 -13.55 -5.01
CA ALA B 305 12.73 -13.32 -5.74
C ALA B 305 12.48 -12.98 -7.20
N ARG B 306 11.45 -13.58 -7.78
CA ARG B 306 11.17 -13.30 -9.18
CA ARG B 306 11.13 -13.31 -9.18
C ARG B 306 10.84 -11.80 -9.29
N LEU B 307 10.14 -11.27 -8.27
CA LEU B 307 9.57 -9.94 -8.37
C LEU B 307 10.56 -8.91 -8.94
N GLY B 308 11.84 -9.04 -8.59
CA GLY B 308 12.84 -8.11 -9.08
C GLY B 308 12.81 -7.89 -10.58
N HIS B 309 12.50 -8.96 -11.33
CA HIS B 309 12.44 -8.89 -12.78
C HIS B 309 11.29 -8.03 -13.31
N PHE B 310 10.29 -7.78 -12.45
CA PHE B 310 9.12 -6.98 -12.84
C PHE B 310 9.09 -5.59 -12.18
N ALA B 311 10.14 -5.24 -11.42
CA ALA B 311 10.20 -3.96 -10.72
C ALA B 311 10.37 -2.73 -11.63
N PRO B 312 9.43 -1.78 -11.55
CA PRO B 312 9.47 -0.56 -12.37
C PRO B 312 10.35 0.49 -11.68
N VAL B 313 11.62 0.16 -11.53
CA VAL B 313 12.57 1.03 -10.88
C VAL B 313 12.62 2.45 -11.45
N ASP B 314 12.55 2.58 -12.77
CA ASP B 314 12.59 3.89 -13.39
C ASP B 314 11.40 4.76 -12.99
N ALA B 315 10.21 4.17 -13.01
CA ALA B 315 9.01 4.93 -12.66
C ALA B 315 9.12 5.47 -11.23
N VAL B 316 9.52 4.60 -10.31
CA VAL B 316 9.67 4.97 -8.90
C VAL B 316 10.74 6.05 -8.75
N ALA B 317 11.81 5.95 -9.53
CA ALA B 317 12.85 6.94 -9.47
C ALA B 317 12.25 8.28 -9.88
N ASP B 318 11.46 8.29 -10.94
CA ASP B 318 10.85 9.54 -11.38
C ASP B 318 9.92 10.12 -10.34
N GLN B 319 9.18 9.25 -9.66
CA GLN B 319 8.27 9.69 -8.63
C GLN B 319 9.04 10.25 -7.44
N ARG B 320 10.15 9.62 -7.09
CA ARG B 320 10.95 10.13 -5.98
C ARG B 320 11.52 11.50 -6.40
N ALA B 321 12.07 11.55 -7.60
CA ALA B 321 12.62 12.77 -8.18
C ALA B 321 11.58 13.88 -8.11
N LYS B 322 10.36 13.51 -8.49
CA LYS B 322 9.23 14.43 -8.50
C LYS B 322 8.94 14.93 -7.09
N ASP B 323 8.96 14.03 -6.12
CA ASP B 323 8.70 14.41 -4.75
C ASP B 323 9.81 15.31 -4.24
N PHE B 324 11.03 15.08 -4.72
CA PHE B 324 12.18 15.89 -4.33
C PHE B 324 12.05 17.28 -4.96
N ILE B 325 11.38 17.38 -6.11
CA ILE B 325 11.17 18.66 -6.77
C ILE B 325 10.15 19.45 -5.97
N HIS B 326 9.16 18.76 -5.44
CA HIS B 326 8.14 19.41 -4.64
C HIS B 326 8.71 19.89 -3.31
N ASP B 327 9.59 19.06 -2.73
CA ASP B 327 10.30 19.27 -1.45
C ASP B 327 11.37 20.40 -1.53
N SER B 328 12.06 20.46 -2.66
CA SER B 328 13.13 21.44 -2.84
C SER B 328 12.72 22.88 -2.55
N LEU B 329 13.72 23.67 -2.19
CA LEU B 329 13.51 25.08 -1.92
C LEU B 329 13.75 25.74 -3.26
N PRO B 330 13.11 26.89 -3.51
CA PRO B 330 13.28 27.61 -4.77
C PRO B 330 14.74 28.00 -4.97
N PRO B 331 15.23 27.91 -6.21
CA PRO B 331 16.61 28.23 -6.58
C PRO B 331 17.07 29.67 -6.34
N VAL B 332 18.36 29.85 -6.13
CA VAL B 332 18.93 31.18 -5.95
C VAL B 332 19.80 31.36 -7.17
N LEU B 333 19.36 32.23 -8.06
CA LEU B 333 20.07 32.48 -9.31
C LEU B 333 21.31 33.35 -9.14
N THR B 334 22.26 33.20 -10.06
CA THR B 334 23.48 34.00 -10.05
C THR B 334 23.07 35.30 -10.77
N ASP B 335 23.94 36.30 -10.80
CA ASP B 335 23.58 37.54 -11.50
C ASP B 335 23.47 37.26 -13.00
N ARG B 336 24.29 36.34 -13.50
CA ARG B 336 24.30 35.99 -14.90
C ARG B 336 23.00 35.30 -15.34
N GLU B 337 22.63 34.24 -14.61
CA GLU B 337 21.42 33.49 -14.91
C GLU B 337 20.26 34.45 -14.91
N ARG B 338 20.17 35.27 -13.86
CA ARG B 338 19.11 36.26 -13.73
C ARG B 338 19.05 37.15 -14.97
N ALA B 339 20.16 37.81 -15.28
CA ALA B 339 20.24 38.70 -16.44
C ALA B 339 19.92 38.02 -17.77
N LEU B 340 20.05 36.69 -17.82
CA LEU B 340 19.78 35.98 -19.05
C LEU B 340 18.44 35.24 -19.03
N SER B 341 17.73 35.36 -17.91
CA SER B 341 16.44 34.68 -17.76
C SER B 341 15.32 35.70 -17.79
N VAL B 342 14.08 35.21 -17.88
CA VAL B 342 12.92 36.08 -17.91
C VAL B 342 12.87 36.96 -16.67
N TYR B 343 13.53 36.53 -15.60
CA TYR B 343 13.54 37.27 -14.34
C TYR B 343 14.32 38.57 -14.49
N GLY B 344 15.33 38.56 -15.34
CA GLY B 344 16.13 39.74 -15.52
C GLY B 344 15.83 40.52 -16.80
N LEU B 345 14.70 40.24 -17.44
CA LEU B 345 14.37 40.97 -18.66
C LEU B 345 14.20 42.43 -18.27
N PRO B 346 14.88 43.33 -19.00
CA PRO B 346 14.90 44.79 -18.84
C PRO B 346 13.53 45.48 -18.77
N ILE B 347 12.48 44.78 -19.18
CA ILE B 347 11.14 45.36 -19.19
C ILE B 347 10.58 45.69 -17.80
N ARG B 348 10.27 47.00 -17.67
CA ARG B 348 9.76 47.55 -16.42
CA ARG B 348 9.75 47.53 -16.42
C ARG B 348 8.82 48.70 -16.72
N TRP B 349 8.36 49.33 -15.63
CA TRP B 349 7.47 50.47 -15.81
C TRP B 349 8.22 51.72 -15.36
N GLU B 350 8.39 52.68 -16.25
CA GLU B 350 9.21 53.83 -15.87
C GLU B 350 8.52 55.20 -15.73
N ALA B 351 7.99 55.75 -16.80
CA ALA B 351 7.45 57.12 -16.70
C ALA B 351 5.95 57.16 -16.61
N GLY B 352 5.29 56.65 -17.65
CA GLY B 352 3.85 56.45 -17.62
C GLY B 352 3.47 55.20 -18.39
N GLU B 353 4.47 54.43 -18.78
CA GLU B 353 4.22 53.20 -19.54
C GLU B 353 5.38 52.22 -19.43
N PRO B 354 5.13 50.95 -19.78
CA PRO B 354 6.19 49.95 -19.72
C PRO B 354 7.26 50.20 -20.77
N VAL B 355 8.52 50.01 -20.39
CA VAL B 355 9.64 50.23 -21.31
C VAL B 355 10.30 48.92 -21.75
N ASN B 356 10.74 48.90 -23.00
CA ASN B 356 11.41 47.74 -23.59
C ASN B 356 10.55 46.48 -23.64
N VAL B 357 9.47 46.53 -24.42
CA VAL B 357 8.57 45.39 -24.56
C VAL B 357 8.83 44.74 -25.91
N GLY B 358 8.52 43.45 -26.03
CA GLY B 358 8.69 42.77 -27.30
C GLY B 358 9.89 41.84 -27.45
N ALA B 359 10.43 41.34 -26.34
CA ALA B 359 11.57 40.43 -26.38
C ALA B 359 11.06 39.10 -26.95
N GLN B 360 11.63 38.68 -28.07
CA GLN B 360 11.20 37.42 -28.69
C GLN B 360 12.38 36.48 -28.97
N LEU B 361 12.13 35.18 -28.85
CA LEU B 361 13.16 34.18 -29.12
C LEU B 361 13.07 33.80 -30.58
N THR B 362 14.22 33.52 -31.20
CA THR B 362 14.23 33.12 -32.60
C THR B 362 14.83 31.73 -32.72
N THR B 363 14.88 31.22 -33.94
CA THR B 363 15.46 29.90 -34.18
C THR B 363 16.97 29.97 -34.00
N GLU B 364 17.50 31.20 -33.95
CA GLU B 364 18.94 31.41 -33.77
C GLU B 364 19.34 31.44 -32.29
N THR B 365 18.36 31.71 -31.43
CA THR B 365 18.56 31.78 -29.99
C THR B 365 19.21 30.51 -29.43
N GLU B 366 20.32 30.66 -28.72
CA GLU B 366 21.00 29.52 -28.11
C GLU B 366 20.52 29.48 -26.66
N VAL B 367 20.09 28.32 -26.20
CA VAL B 367 19.57 28.23 -24.84
C VAL B 367 19.96 27.00 -24.08
N HIS B 368 19.69 27.02 -22.79
CA HIS B 368 19.94 25.86 -21.97
C HIS B 368 19.23 26.08 -20.65
N MET B 369 18.96 24.98 -19.95
CA MET B 369 18.24 25.01 -18.69
C MET B 369 18.83 25.98 -17.71
N LEU B 370 17.96 26.76 -17.08
CA LEU B 370 18.39 27.76 -16.10
C LEU B 370 19.37 27.16 -15.10
N GLN B 371 19.07 25.94 -14.66
CA GLN B 371 19.93 25.24 -13.71
C GLN B 371 19.66 23.76 -13.88
N ASP B 372 20.54 22.93 -13.32
CA ASP B 372 20.43 21.48 -13.46
C ASP B 372 19.51 20.73 -12.49
N GLY B 373 19.05 21.41 -11.44
CA GLY B 373 18.19 20.73 -10.48
C GLY B 373 16.84 21.41 -10.25
N ILE B 374 16.36 22.13 -11.26
CA ILE B 374 15.11 22.83 -11.13
C ILE B 374 13.92 22.11 -11.75
N ALA B 375 14.16 21.15 -12.63
CA ALA B 375 13.05 20.47 -13.28
C ALA B 375 13.24 18.99 -13.51
N ARG B 376 12.15 18.27 -13.70
CA ARG B 376 12.23 16.83 -13.95
C ARG B 376 11.10 16.37 -14.89
N LEU B 377 11.45 15.57 -15.89
CA LEU B 377 10.48 15.07 -16.83
C LEU B 377 9.91 13.74 -16.33
N VAL B 378 8.62 13.73 -16.01
CA VAL B 378 7.97 12.53 -15.47
C VAL B 378 6.77 12.03 -16.29
N GLY B 379 6.67 10.70 -16.41
CA GLY B 379 5.58 10.11 -17.15
C GLY B 379 4.44 9.67 -16.24
N GLU B 380 3.22 10.10 -16.56
CA GLU B 380 2.06 9.73 -15.74
C GLU B 380 0.82 9.50 -16.63
N GLY B 381 0.34 8.27 -16.63
CA GLY B 381 -0.83 7.94 -17.42
C GLY B 381 -0.70 8.40 -18.86
N GLY B 382 0.26 7.84 -19.58
CA GLY B 382 0.48 8.20 -20.98
C GLY B 382 0.74 9.67 -21.22
N HIS B 383 0.90 10.44 -20.15
CA HIS B 383 1.16 11.87 -20.25
C HIS B 383 2.57 12.23 -19.77
N LEU B 384 3.10 13.32 -20.30
CA LEU B 384 4.43 13.79 -19.92
C LEU B 384 4.30 15.11 -19.21
N PHE B 385 4.82 15.16 -17.99
CA PHE B 385 4.78 16.36 -17.19
C PHE B 385 6.16 16.83 -16.73
N LEU B 386 6.47 18.10 -17.00
CA LEU B 386 7.74 18.68 -16.59
C LEU B 386 7.49 19.36 -15.25
N TYR B 387 7.89 18.71 -14.16
CA TYR B 387 7.75 19.28 -12.83
C TYR B 387 8.97 20.17 -12.60
N TYR B 388 8.77 21.33 -12.00
CA TYR B 388 9.87 22.27 -11.71
C TYR B 388 9.79 22.80 -10.29
N THR B 389 10.85 23.48 -9.85
CA THR B 389 10.95 24.01 -8.49
C THR B 389 10.96 25.53 -8.38
N VAL B 390 11.08 26.24 -9.51
CA VAL B 390 11.15 27.70 -9.49
C VAL B 390 10.00 28.40 -8.75
N GLU B 391 8.81 27.79 -8.77
CA GLU B 391 7.66 28.38 -8.10
C GLU B 391 7.42 27.89 -6.66
N ASN B 392 8.37 27.13 -6.13
CA ASN B 392 8.26 26.62 -4.78
C ASN B 392 8.45 27.72 -3.75
N SER B 393 7.81 27.53 -2.62
CA SER B 393 7.89 28.47 -1.53
C SER B 393 9.09 28.10 -0.64
N ARG B 394 9.58 29.05 0.15
CA ARG B 394 10.70 28.75 1.04
C ARG B 394 10.13 28.00 2.24
N VAL B 395 8.80 27.99 2.32
CA VAL B 395 8.08 27.28 3.37
C VAL B 395 7.71 25.94 2.77
N TYR B 396 8.19 24.87 3.40
CA TYR B 396 7.94 23.50 2.98
C TYR B 396 6.48 23.26 2.56
N HIS B 397 6.29 22.67 1.39
CA HIS B 397 4.96 22.35 0.89
C HIS B 397 3.88 23.42 1.01
N LEU B 398 4.27 24.70 1.08
CA LEU B 398 3.30 25.78 1.17
C LEU B 398 2.55 25.83 -0.15
N GLU B 399 3.25 25.49 -1.23
CA GLU B 399 2.66 25.45 -2.56
C GLU B 399 2.58 23.98 -3.02
N GLU B 400 1.53 23.65 -3.78
CA GLU B 400 1.33 22.30 -4.29
C GLU B 400 2.29 22.06 -5.47
N PRO B 401 2.47 20.79 -5.89
CA PRO B 401 3.36 20.45 -7.01
C PRO B 401 3.10 21.21 -8.32
N LYS B 402 4.11 21.92 -8.82
CA LYS B 402 3.98 22.69 -10.05
C LYS B 402 4.56 21.92 -11.24
N CYS B 403 3.83 21.89 -12.35
CA CYS B 403 4.31 21.21 -13.53
C CYS B 403 3.65 21.82 -14.75
N LEU B 404 4.16 21.48 -15.92
CA LEU B 404 3.52 21.88 -17.16
CA LEU B 404 3.61 21.91 -17.20
C LEU B 404 3.57 20.63 -18.00
N GLU B 405 2.57 20.41 -18.86
CA GLU B 405 2.57 19.27 -19.75
C GLU B 405 3.44 19.46 -20.98
N ILE B 406 4.02 18.34 -21.42
CA ILE B 406 4.88 18.31 -22.59
C ILE B 406 4.27 17.32 -23.57
N TYR B 407 3.98 17.77 -24.78
CA TYR B 407 3.40 16.90 -25.79
C TYR B 407 4.50 16.06 -26.45
N PRO B 408 4.14 14.85 -26.90
CA PRO B 408 5.07 13.94 -27.56
C PRO B 408 5.98 14.57 -28.60
N GLN B 409 5.47 15.59 -29.28
CA GLN B 409 6.24 16.29 -30.32
C GLN B 409 7.35 17.18 -29.75
N GLN B 410 7.41 17.27 -28.43
CA GLN B 410 8.41 18.11 -27.77
C GLN B 410 9.25 17.33 -26.77
N ALA B 411 8.76 16.17 -26.35
CA ALA B 411 9.45 15.32 -25.39
C ALA B 411 10.91 15.04 -25.76
N ASP B 412 11.16 14.94 -27.06
CA ASP B 412 12.50 14.69 -27.57
C ASP B 412 13.45 15.84 -27.27
N ALA B 413 13.05 17.06 -27.60
CA ALA B 413 13.89 18.20 -27.33
C ALA B 413 13.95 18.46 -25.82
N MET B 414 12.85 18.18 -25.13
CA MET B 414 12.82 18.39 -23.69
C MET B 414 13.84 17.49 -23.01
N GLU B 415 13.97 16.26 -23.50
CA GLU B 415 14.95 15.31 -22.96
C GLU B 415 16.34 15.90 -23.15
N LEU B 416 16.68 16.21 -24.40
CA LEU B 416 17.97 16.79 -24.78
C LEU B 416 18.37 17.93 -23.85
N LEU B 417 17.45 18.87 -23.66
CA LEU B 417 17.70 20.03 -22.81
C LEU B 417 18.14 19.61 -21.40
N LEU B 418 17.34 18.74 -20.78
CA LEU B 418 17.67 18.27 -19.42
C LEU B 418 18.99 17.52 -19.38
N GLY B 419 19.50 17.08 -20.52
CA GLY B 419 20.74 16.35 -20.54
C GLY B 419 21.93 17.17 -21.04
N SER B 420 21.65 18.29 -21.69
CA SER B 420 22.69 19.13 -22.24
C SER B 420 23.37 20.09 -21.25
N TYR B 421 22.71 20.37 -20.13
CA TYR B 421 23.26 21.31 -19.15
C TYR B 421 24.73 21.08 -18.78
N PRO B 422 25.56 22.13 -18.81
CA PRO B 422 25.25 23.53 -19.16
C PRO B 422 25.55 23.95 -20.60
N GLU B 423 25.62 22.97 -21.49
CA GLU B 423 25.90 23.24 -22.90
C GLU B 423 24.77 23.99 -23.59
N PHE B 424 25.12 24.99 -24.39
CA PHE B 424 24.14 25.79 -25.12
C PHE B 424 23.66 25.14 -26.40
N VAL B 425 22.35 24.93 -26.50
CA VAL B 425 21.76 24.35 -27.69
C VAL B 425 20.89 25.40 -28.39
N ARG B 426 21.15 25.63 -29.66
CA ARG B 426 20.42 26.58 -30.48
C ARG B 426 18.99 26.05 -30.70
N VAL B 427 17.98 26.90 -30.49
CA VAL B 427 16.58 26.50 -30.65
C VAL B 427 16.33 25.83 -32.01
N GLY B 428 16.95 26.38 -33.05
CA GLY B 428 16.78 25.83 -34.37
C GLY B 428 17.24 24.40 -34.50
N ASP B 429 18.19 23.98 -33.67
CA ASP B 429 18.70 22.61 -33.70
C ASP B 429 18.00 21.66 -32.75
N LEU B 430 16.91 22.12 -32.14
CA LEU B 430 16.14 21.27 -31.25
C LEU B 430 15.48 20.19 -32.12
N PRO B 431 15.60 18.90 -31.74
CA PRO B 431 15.01 17.78 -32.48
C PRO B 431 13.50 17.68 -32.30
N CYS B 432 12.75 18.31 -33.20
CA CYS B 432 11.30 18.30 -33.14
C CYS B 432 10.71 17.93 -34.49
N ASP B 433 9.47 18.35 -34.72
CA ASP B 433 8.79 18.06 -35.99
C ASP B 433 8.68 19.31 -36.87
N SER B 434 8.57 20.48 -36.24
CA SER B 434 8.43 21.71 -36.99
C SER B 434 9.02 22.91 -36.26
N VAL B 435 9.26 23.99 -37.00
CA VAL B 435 9.82 25.21 -36.44
C VAL B 435 8.84 25.76 -35.41
N GLU B 436 7.55 25.46 -35.60
CA GLU B 436 6.53 25.91 -34.68
C GLU B 436 6.72 25.22 -33.33
N ASP B 437 7.24 24.00 -33.36
CA ASP B 437 7.48 23.23 -32.14
C ASP B 437 8.71 23.72 -31.39
N GLN B 438 9.79 23.97 -32.14
CA GLN B 438 11.03 24.43 -31.57
C GLN B 438 10.87 25.77 -30.86
N LEU B 439 10.12 26.70 -31.45
CA LEU B 439 9.90 28.00 -30.82
C LEU B 439 8.89 27.86 -29.70
N SER B 440 7.91 26.99 -29.90
CA SER B 440 6.87 26.72 -28.91
C SER B 440 7.46 26.34 -27.55
N LEU B 441 8.23 25.26 -27.52
CA LEU B 441 8.85 24.76 -26.31
C LEU B 441 9.74 25.80 -25.67
N ALA B 442 10.69 26.30 -26.45
CA ALA B 442 11.65 27.30 -26.02
C ALA B 442 10.96 28.52 -25.40
N THR B 443 9.91 28.99 -26.05
CA THR B 443 9.17 30.15 -25.56
C THR B 443 8.42 29.82 -24.27
N THR B 444 7.78 28.66 -24.23
CA THR B 444 7.04 28.25 -23.06
C THR B 444 7.97 28.08 -21.85
N LEU B 445 9.12 27.43 -22.05
CA LEU B 445 10.07 27.22 -20.97
C LEU B 445 10.66 28.56 -20.52
N TYR B 446 11.10 29.36 -21.48
CA TYR B 446 11.71 30.63 -21.17
C TYR B 446 10.79 31.47 -20.30
N ASP B 447 9.57 31.67 -20.77
CA ASP B 447 8.59 32.45 -20.06
C ASP B 447 8.27 31.90 -18.69
N LYS B 448 8.63 30.65 -18.42
CA LYS B 448 8.36 30.06 -17.11
C LYS B 448 9.55 30.16 -16.16
N GLY B 449 10.64 30.77 -16.63
CA GLY B 449 11.81 30.91 -15.79
C GLY B 449 12.56 29.60 -15.62
N LEU B 450 12.47 28.74 -16.62
CA LEU B 450 13.13 27.44 -16.58
C LEU B 450 14.25 27.42 -17.61
N LEU B 451 14.41 28.51 -18.33
CA LEU B 451 15.40 28.54 -19.39
C LEU B 451 16.16 29.84 -19.49
N LEU B 452 17.37 29.79 -20.02
CA LEU B 452 18.14 31.02 -20.18
C LEU B 452 18.74 31.04 -21.58
N THR B 453 19.02 32.23 -22.09
CA THR B 453 19.59 32.39 -23.43
C THR B 453 21.07 32.77 -23.40
N LYS B 454 21.81 32.32 -24.41
CA LYS B 454 23.24 32.62 -24.47
C LYS B 454 23.48 34.10 -24.33
N MET B 455 22.59 34.90 -24.94
CA MET B 455 22.70 36.36 -24.87
C MET B 455 21.36 36.93 -24.46
N PRO B 456 21.35 38.13 -23.87
CA PRO B 456 20.07 38.70 -23.46
C PRO B 456 19.16 38.98 -24.67
N LEU B 457 17.90 38.59 -24.59
CA LEU B 457 16.95 38.81 -25.67
C LEU B 457 16.66 40.29 -25.89
N ALA B 458 16.69 40.72 -27.15
CA ALA B 458 16.42 42.11 -27.50
C ALA B 458 15.27 42.15 -28.51
N LEU B 459 14.51 43.25 -28.51
CA LEU B 459 13.37 43.40 -29.42
C LEU B 459 13.79 43.23 -30.88
N GLY C 9 -24.07 -4.39 -20.52
CA GLY C 9 -24.49 -5.01 -19.28
C GLY C 9 -23.39 -5.81 -18.62
N GLY C 10 -23.58 -6.17 -17.37
CA GLY C 10 -22.58 -6.93 -16.63
C GLY C 10 -22.60 -8.41 -16.94
N ASN C 11 -21.68 -9.14 -16.33
CA ASN C 11 -21.60 -10.59 -16.44
C ASN C 11 -21.79 -11.17 -15.04
N HIS C 12 -21.17 -12.32 -14.78
CA HIS C 12 -21.50 -13.13 -13.61
C HIS C 12 -21.15 -12.25 -12.41
N GLN C 13 -22.08 -12.13 -11.48
CA GLN C 13 -21.86 -11.33 -10.29
C GLN C 13 -21.54 -12.22 -9.09
N HIS C 14 -20.25 -12.52 -8.89
CA HIS C 14 -19.86 -13.37 -7.77
C HIS C 14 -20.34 -12.69 -6.49
N ILE C 15 -20.37 -11.37 -6.52
CA ILE C 15 -20.84 -10.57 -5.39
C ILE C 15 -21.77 -9.51 -5.97
N CYS C 16 -23.03 -9.48 -5.54
CA CYS C 16 -23.98 -8.48 -6.04
C CYS C 16 -23.52 -7.18 -5.39
N LYS C 17 -23.12 -6.21 -6.22
CA LYS C 17 -22.61 -4.95 -5.70
C LYS C 17 -23.54 -3.73 -5.69
N PRO C 18 -24.15 -3.39 -6.84
CA PRO C 18 -25.05 -2.24 -6.93
C PRO C 18 -25.91 -2.01 -5.68
N GLY D 9 8.94 17.28 25.17
CA GLY D 9 9.51 18.11 24.12
C GLY D 9 10.12 17.27 23.01
N GLY D 10 10.21 17.86 21.82
CA GLY D 10 10.76 17.17 20.67
C GLY D 10 12.22 17.47 20.40
N ASN D 11 12.76 16.78 19.40
CA ASN D 11 14.14 16.95 18.96
C ASN D 11 14.08 17.55 17.55
N HIS D 12 15.13 17.36 16.77
CA HIS D 12 15.33 18.13 15.57
C HIS D 12 14.18 17.95 14.63
N GLN D 13 13.73 19.05 14.04
CA GLN D 13 12.57 19.00 13.15
C GLN D 13 12.97 19.30 11.72
N HIS D 14 13.26 18.25 10.97
CA HIS D 14 13.64 18.38 9.57
C HIS D 14 12.58 19.19 8.83
N ILE D 15 11.32 18.99 9.21
CA ILE D 15 10.22 19.74 8.65
C ILE D 15 9.48 20.31 9.86
N CYS D 16 8.99 21.53 9.78
CA CYS D 16 8.36 22.20 10.91
CA CYS D 16 8.36 22.21 10.89
C CYS D 16 7.00 21.57 11.21
N LYS D 17 6.79 21.21 12.44
CA LYS D 17 5.57 20.56 12.91
C LYS D 17 4.27 21.33 12.71
N PRO D 18 3.12 20.63 12.78
CA PRO D 18 1.78 21.18 12.61
C PRO D 18 1.41 22.22 13.69
MN MN E . -20.25 -16.13 -17.44
C1 OGA F . -22.54 -18.08 -16.93
C2 OGA F . -22.82 -17.32 -18.23
C4 OGA F . -24.29 -16.93 -20.15
C5 OGA F . -25.61 -17.48 -20.68
O1 OGA F . -23.38 -18.92 -16.55
O2 OGA F . -21.49 -17.79 -16.31
O2' OGA F . -22.01 -16.48 -18.62
O3 OGA F . -26.05 -17.00 -21.75
N1 OGA F . -23.94 -17.61 -18.89
O4 OGA F . -26.16 -18.37 -20.00
S SO4 G . -14.49 -40.66 25.36
O1 SO4 G . -13.70 -41.67 26.09
O2 SO4 G . -14.29 -39.33 25.96
O3 SO4 G . -14.06 -40.66 23.96
O4 SO4 G . -15.92 -41.03 25.42
MN MN H . 19.64 16.35 17.85
C1 OGA I . 21.27 18.87 17.45
C2 OGA I . 20.95 18.69 18.93
C4 OGA I . 21.04 19.52 21.24
C5 OGA I . 21.61 20.74 21.95
O1 OGA I . 21.89 19.91 17.12
O2 OGA I . 20.92 17.98 16.66
O2' OGA I . 20.34 17.66 19.28
O3 OGA I . 21.45 20.80 23.19
N1 OGA I . 21.32 19.62 19.79
O4 OGA I . 22.18 21.61 21.25
S SO4 J . 0.54 25.72 -12.12
O1 SO4 J . 1.65 26.67 -12.37
O2 SO4 J . -0.20 26.15 -10.91
O3 SO4 J . -0.37 25.72 -13.28
O4 SO4 J . 1.08 24.37 -11.91
C1 EDO K . 25.97 17.07 27.89
O1 EDO K . 25.85 16.90 29.30
C2 EDO K . 27.45 17.31 27.53
O2 EDO K . 27.71 16.76 26.25
#